data_3IKI
# 
_entry.id   3IKI 
# 
_audit_conform.dict_name       mmcif_pdbx.dic 
_audit_conform.dict_version    5.378 
_audit_conform.dict_location   http://mmcif.pdb.org/dictionaries/ascii/mmcif_pdbx.dic 
# 
loop_
_database_2.database_id 
_database_2.database_code 
_database_2.pdbx_database_accession 
_database_2.pdbx_DOI 
PDB   3IKI         pdb_00003iki 10.2210/pdb3iki/pdb 
NDB   NA0114       ?            ?                   
RCSB  RCSB054525   ?            ?                   
WWPDB D_1000054525 ?            ?                   
# 
_pdbx_database_status.status_code                     REL 
_pdbx_database_status.entry_id                        3IKI 
_pdbx_database_status.recvd_initial_deposition_date   2009-08-05 
_pdbx_database_status.deposit_site                    RCSB 
_pdbx_database_status.process_site                    RCSB 
_pdbx_database_status.status_code_sf                  REL 
_pdbx_database_status.status_code_mr                  ? 
_pdbx_database_status.SG_entry                        ? 
_pdbx_database_status.status_code_cs                  ? 
_pdbx_database_status.pdb_format_compatible           Y 
_pdbx_database_status.status_code_nmr_data            ? 
_pdbx_database_status.methods_development_category    ? 
# 
loop_
_audit_author.name 
_audit_author.pdbx_ordinal 
'Sheng, J.'      1 
'Hassan, A.E.A.' 2 
'Zhang, W.'      3 
'Gan, J.'        4 
'Huang, Z.'      5 
# 
_citation.id                        primary 
_citation.title                     'Hydrogen bond formation between the naturally modified nucleobase and phosphate backbone.' 
_citation.journal_abbrev            'Nucleic Acids Res.' 
_citation.journal_volume            40 
_citation.page_first                8111 
_citation.page_last                 8118 
_citation.year                      2012 
_citation.journal_id_ASTM           NARHAD 
_citation.country                   UK 
_citation.journal_id_ISSN           0305-1048 
_citation.journal_id_CSD            0389 
_citation.book_publisher            ? 
_citation.pdbx_database_id_PubMed   22641848 
_citation.pdbx_database_id_DOI      10.1093/nar/gks426 
# 
loop_
_citation_author.citation_id 
_citation_author.name 
_citation_author.ordinal 
_citation_author.identifier_ORCID 
primary 'Sheng, J.'    1 ? 
primary 'Zhang, W.'    2 ? 
primary 'Hassan, A.E.' 3 ? 
primary 'Gan, J.'      4 ? 
primary 'Soares, A.S.' 5 ? 
primary 'Geng, S.'     6 ? 
primary 'Ren, Y.'      7 ? 
primary 'Huang, Z.'    8 ? 
# 
_cell.entry_id           3IKI 
_cell.length_a           42.882 
_cell.length_b           42.882 
_cell.length_c           23.687 
_cell.angle_alpha        90.00 
_cell.angle_beta         90.00 
_cell.angle_gamma        90.00 
_cell.Z_PDB              8 
_cell.pdbx_unique_axis   ? 
_cell.length_a_esd       ? 
_cell.length_b_esd       ? 
_cell.length_c_esd       ? 
_cell.angle_alpha_esd    ? 
_cell.angle_beta_esd     ? 
_cell.angle_gamma_esd    ? 
# 
_symmetry.entry_id                         3IKI 
_symmetry.space_group_name_H-M             'P 43 21 2' 
_symmetry.pdbx_full_space_group_name_H-M   ? 
_symmetry.cell_setting                     ? 
_symmetry.Int_Tables_number                96 
_symmetry.space_group_name_Hall            ? 
# 
loop_
_entity.id 
_entity.type 
_entity.src_method 
_entity.pdbx_description 
_entity.formula_weight 
_entity.pdbx_number_of_molecules 
_entity.pdbx_ec 
_entity.pdbx_mutation 
_entity.pdbx_fragment 
_entity.details 
1 polymer     syn "5'-D(*GP*(UMS)P*GP*(US2)P*AP*CP*AP*C)-3'" 2537.642 1  ? ? ? ? 
2 non-polymer syn 'MAGNESIUM ION'                            24.305   1  ? ? ? ? 
3 water       nat water                                      18.015   38 ? ? ? ? 
# 
_entity_poly.entity_id                      1 
_entity_poly.type                           polydeoxyribonucleotide 
_entity_poly.nstd_linkage                   no 
_entity_poly.nstd_monomer                   yes 
_entity_poly.pdbx_seq_one_letter_code       '(DG)(UMS)(DG)(US2)(DA)(DC)(DA)(DC)' 
_entity_poly.pdbx_seq_one_letter_code_can   GUGUACAC 
_entity_poly.pdbx_strand_id                 A 
_entity_poly.pdbx_target_identifier         ? 
# 
loop_
_entity_poly_seq.entity_id 
_entity_poly_seq.num 
_entity_poly_seq.mon_id 
_entity_poly_seq.hetero 
1 1 DG  n 
1 2 UMS n 
1 3 DG  n 
1 4 US2 n 
1 5 DA  n 
1 6 DC  n 
1 7 DA  n 
1 8 DC  n 
# 
_pdbx_entity_src_syn.entity_id              1 
_pdbx_entity_src_syn.pdbx_src_id            1 
_pdbx_entity_src_syn.pdbx_alt_source_flag   sample 
_pdbx_entity_src_syn.pdbx_beg_seq_num       ? 
_pdbx_entity_src_syn.pdbx_end_seq_num       ? 
_pdbx_entity_src_syn.organism_scientific    ? 
_pdbx_entity_src_syn.organism_common_name   ? 
_pdbx_entity_src_syn.ncbi_taxonomy_id       ? 
_pdbx_entity_src_syn.details                'Synthesized by solid phase synthesis' 
# 
_struct_ref.id                         1 
_struct_ref.db_name                    PDB 
_struct_ref.db_code                    3IKI 
_struct_ref.pdbx_db_accession          3IKI 
_struct_ref.entity_id                  1 
_struct_ref.pdbx_align_begin           ? 
_struct_ref.pdbx_seq_one_letter_code   GUGUACAC 
_struct_ref.pdbx_db_isoform            ? 
# 
_struct_ref_seq.align_id                      1 
_struct_ref_seq.ref_id                        1 
_struct_ref_seq.pdbx_PDB_id_code              3IKI 
_struct_ref_seq.pdbx_strand_id                A 
_struct_ref_seq.seq_align_beg                 1 
_struct_ref_seq.pdbx_seq_align_beg_ins_code   ? 
_struct_ref_seq.seq_align_end                 8 
_struct_ref_seq.pdbx_seq_align_end_ins_code   ? 
_struct_ref_seq.pdbx_db_accession             3IKI 
_struct_ref_seq.db_align_beg                  1 
_struct_ref_seq.pdbx_db_align_beg_ins_code    ? 
_struct_ref_seq.db_align_end                  8 
_struct_ref_seq.pdbx_db_align_end_ins_code    ? 
_struct_ref_seq.pdbx_auth_seq_align_beg       1 
_struct_ref_seq.pdbx_auth_seq_align_end       8 
# 
loop_
_chem_comp.id 
_chem_comp.type 
_chem_comp.mon_nstd_flag 
_chem_comp.name 
_chem_comp.pdbx_synonyms 
_chem_comp.formula 
_chem_comp.formula_weight 
DA  'DNA linking' y "2'-DEOXYADENOSINE-5'-MONOPHOSPHATE"                           ?                                 
'C10 H14 N5 O6 P'    331.222 
DC  'DNA linking' y "2'-DEOXYCYTIDINE-5'-MONOPHOSPHATE"                            ?                                 
'C9 H14 N3 O7 P'     307.197 
DG  'DNA linking' y "2'-DEOXYGUANOSINE-5'-MONOPHOSPHATE"                           ?                                 
'C10 H14 N5 O7 P'    347.221 
HOH non-polymer   . WATER                                                          ?                                 'H2 O' 18.015 
MG  non-polymer   . 'MAGNESIUM ION'                                                ?                                 'Mg 2' 24.305 
UMS 'DNA linking' n "2'-METHYLSELENYL-2'-DEOXYURIDINE-5'-PHOSPHATE"                ?                                 
'C10 H15 N2 O8 P Se' 401.168 
US2 'DNA linking' n 
;2'-deoxy-5-(methylsulfanyl)uridine 5'-(dihydrogen phosphate)
;
"5-SMe-deoxyuridine-5'-phosphate" 'C10 H15 N2 O8 P S'  354.273 
# 
_exptl.entry_id          3IKI 
_exptl.method            'X-RAY DIFFRACTION' 
_exptl.crystals_number   1 
# 
_exptl_crystal.id                    1 
_exptl_crystal.density_meas          ? 
_exptl_crystal.density_Matthews      2.15 
_exptl_crystal.density_percent_sol   42.67 
_exptl_crystal.description           ? 
_exptl_crystal.F_000                 ? 
_exptl_crystal.preparation           ? 
# 
_exptl_crystal_grow.crystal_id      1 
_exptl_crystal_grow.method          'VAPOR DIFFUSION, HANGING DROP' 
_exptl_crystal_grow.temp            293 
_exptl_crystal_grow.temp_details    ? 
_exptl_crystal_grow.pH              7.0 
_exptl_crystal_grow.pdbx_details    
;10% v / v MPD, 40 mM Na Cacodylate pH 7.0, 12 mM Spermine tetra-HCl, 40 mM Lithium Chloride, 80 mM Strontium Chloride /  
20 mM Magnesium Chloride, VAPOR DIFFUSION, HANGING DROP, temperature 293K
;
_exptl_crystal_grow.pdbx_pH_range   ? 
# 
_diffrn.id                     1 
_diffrn.ambient_temp           99 
_diffrn.ambient_temp_details   ? 
_diffrn.crystal_id             1 
# 
_diffrn_detector.diffrn_id              1 
_diffrn_detector.detector               CCD 
_diffrn_detector.type                   'ADSC QUANTUM 4' 
_diffrn_detector.pdbx_collection_date   2008-10-22 
_diffrn_detector.details                ? 
# 
_diffrn_radiation.diffrn_id                        1 
_diffrn_radiation.wavelength_id                    1 
_diffrn_radiation.pdbx_monochromatic_or_laue_m_l   M 
_diffrn_radiation.monochromator                    'channel-cut Si(111) monochromator' 
_diffrn_radiation.pdbx_diffrn_protocol             'SINGLE WAVELENGTH' 
_diffrn_radiation.pdbx_scattering_type             x-ray 
# 
_diffrn_radiation_wavelength.id           1 
_diffrn_radiation_wavelength.wavelength   0.9795 
_diffrn_radiation_wavelength.wt           1.0 
# 
_diffrn_source.diffrn_id                   1 
_diffrn_source.source                      SYNCHROTRON 
_diffrn_source.type                        'NSLS BEAMLINE X12B' 
_diffrn_source.pdbx_synchrotron_site       NSLS 
_diffrn_source.pdbx_synchrotron_beamline   X12B 
_diffrn_source.pdbx_wavelength             ? 
_diffrn_source.pdbx_wavelength_list        0.9795 
# 
_reflns.entry_id                     3IKI 
_reflns.observed_criterion_sigma_I   ? 
_reflns.observed_criterion_sigma_F   ? 
_reflns.d_resolution_low             50 
_reflns.d_resolution_high            1.38 
_reflns.number_obs                   4616 
_reflns.number_all                   4911 
_reflns.percent_possible_obs         94 
_reflns.pdbx_Rmerge_I_obs            0.057 
_reflns.pdbx_Rsym_value              ? 
_reflns.pdbx_netI_over_sigmaI        23.02 
_reflns.B_iso_Wilson_estimate        ? 
_reflns.pdbx_redundancy              8.4 
_reflns.R_free_details               ? 
_reflns.limit_h_max                  ? 
_reflns.limit_h_min                  ? 
_reflns.limit_k_max                  ? 
_reflns.limit_k_min                  ? 
_reflns.limit_l_max                  ? 
_reflns.limit_l_min                  ? 
_reflns.observed_criterion_F_max     ? 
_reflns.observed_criterion_F_min     ? 
_reflns.pdbx_chi_squared             ? 
_reflns.pdbx_scaling_rejects         ? 
_reflns.pdbx_ordinal                 1 
_reflns.pdbx_diffrn_id               1 
# 
_reflns_shell.d_res_high             1.38 
_reflns_shell.d_res_low              1.43 
_reflns_shell.percent_possible_all   67.8 
_reflns_shell.Rmerge_I_obs           0.245 
_reflns_shell.pdbx_Rsym_value        ? 
_reflns_shell.meanI_over_sigI_obs    5.86 
_reflns_shell.pdbx_redundancy        5.2 
_reflns_shell.percent_possible_obs   ? 
_reflns_shell.number_unique_all      324 
_reflns_shell.number_measured_all    ? 
_reflns_shell.number_measured_obs    ? 
_reflns_shell.number_unique_obs      ? 
_reflns_shell.pdbx_chi_squared       ? 
_reflns_shell.pdbx_ordinal           1 
_reflns_shell.pdbx_diffrn_id         1 
# 
_refine.entry_id                                 3IKI 
_refine.ls_number_reflns_obs                     4373 
_refine.ls_number_reflns_all                     4650 
_refine.pdbx_ls_sigma_I                          ? 
_refine.pdbx_ls_sigma_F                          ? 
_refine.pdbx_data_cutoff_high_absF               ? 
_refine.pdbx_data_cutoff_low_absF                ? 
_refine.pdbx_data_cutoff_high_rms_absF           ? 
_refine.ls_d_res_low                             30.32 
_refine.ls_d_res_high                            1.38 
_refine.ls_percent_reflns_obs                    94.04 
_refine.ls_R_factor_obs                          ? 
_refine.ls_R_factor_all                          0.17907 
_refine.ls_R_factor_R_work                       0.17838 
_refine.ls_R_factor_R_free                       0.19414 
_refine.ls_R_factor_R_free_error                 ? 
_refine.ls_R_factor_R_free_error_details         ? 
_refine.ls_percent_reflns_R_free                 4.7 
_refine.ls_number_reflns_R_free                  216 
_refine.ls_number_parameters                     ? 
_refine.ls_number_restraints                     ? 
_refine.occupancy_min                            ? 
_refine.occupancy_max                            ? 
_refine.correlation_coeff_Fo_to_Fc               0.957 
_refine.correlation_coeff_Fo_to_Fc_free          0.961 
_refine.B_iso_mean                               12.133 
_refine.aniso_B[1][1]                            0.12 
_refine.aniso_B[2][2]                            0.12 
_refine.aniso_B[3][3]                            -0.24 
_refine.aniso_B[1][2]                            0.00 
_refine.aniso_B[1][3]                            0.00 
_refine.aniso_B[2][3]                            0.00 
_refine.solvent_model_details                    MASK 
_refine.solvent_model_param_ksol                 ? 
_refine.solvent_model_param_bsol                 ? 
_refine.pdbx_solvent_vdw_probe_radii             1.20 
_refine.pdbx_solvent_ion_probe_radii             0.80 
_refine.pdbx_solvent_shrinkage_radii             0.80 
_refine.pdbx_ls_cross_valid_method               THROUGHOUT 
_refine.details                                  'HYDROGENS HAVE BEEN ADDED IN THE RIDING POSITIONS' 
_refine.pdbx_starting_model                      1DNS 
_refine.pdbx_method_to_determine_struct          'MOLECULAR REPLACEMENT' 
_refine.pdbx_isotropic_thermal_model             ? 
_refine.pdbx_stereochemistry_target_values       'MAXIMUM LIKELIHOOD' 
_refine.pdbx_stereochem_target_val_spec_case     ? 
_refine.pdbx_R_Free_selection_details            RANDOM 
_refine.pdbx_overall_ESU_R                       0.061 
_refine.pdbx_overall_ESU_R_Free                  0.060 
_refine.overall_SU_ML                            0.031 
_refine.overall_SU_B                             1.592 
_refine.ls_redundancy_reflns_obs                 ? 
_refine.B_iso_min                                ? 
_refine.B_iso_max                                ? 
_refine.overall_SU_R_Cruickshank_DPI             ? 
_refine.overall_SU_R_free                        ? 
_refine.ls_wR_factor_R_free                      ? 
_refine.ls_wR_factor_R_work                      ? 
_refine.overall_FOM_free_R_set                   ? 
_refine.overall_FOM_work_R_set                   ? 
_refine.pdbx_overall_phase_error                 ? 
_refine.pdbx_refine_id                           'X-RAY DIFFRACTION' 
_refine.pdbx_TLS_residual_ADP_flag               'LIKELY RESIDUAL' 
_refine.pdbx_diffrn_id                           1 
_refine.pdbx_overall_SU_R_free_Cruickshank_DPI   ? 
_refine.pdbx_overall_SU_R_Blow_DPI               ? 
_refine.pdbx_overall_SU_R_free_Blow_DPI          ? 
# 
_refine_analyze.entry_id                        3IKI 
_refine_analyze.Luzzati_coordinate_error_obs    0.061 
_refine_analyze.Luzzati_sigma_a_obs             ? 
_refine_analyze.Luzzati_d_res_low_obs           ? 
_refine_analyze.Luzzati_coordinate_error_free   0.060 
_refine_analyze.Luzzati_sigma_a_free            ? 
_refine_analyze.Luzzati_d_res_low_free          ? 
_refine_analyze.number_disordered_residues      ? 
_refine_analyze.occupancy_sum_hydrogen          ? 
_refine_analyze.occupancy_sum_non_hydrogen      ? 
_refine_analyze.pdbx_Luzzati_d_res_high_obs     ? 
_refine_analyze.pdbx_refine_id                  'X-RAY DIFFRACTION' 
# 
_refine_hist.pdbx_refine_id                   'X-RAY DIFFRACTION' 
_refine_hist.cycle_id                         LAST 
_refine_hist.pdbx_number_atoms_protein        0 
_refine_hist.pdbx_number_atoms_nucleic_acid   163 
_refine_hist.pdbx_number_atoms_ligand         1 
_refine_hist.number_atoms_solvent             38 
_refine_hist.number_atoms_total               202 
_refine_hist.d_res_high                       1.38 
_refine_hist.d_res_low                        30.32 
# 
loop_
_refine_ls_restr.type 
_refine_ls_restr.dev_ideal 
_refine_ls_restr.dev_ideal_target 
_refine_ls_restr.weight 
_refine_ls_restr.number 
_refine_ls_restr.pdbx_refine_id 
_refine_ls_restr.pdbx_restraint_function 
r_bond_refined_d         0.007 0.021 ? 180 'X-RAY DIFFRACTION' ? 
r_angle_refined_deg      1.467 3.000 ? 270 'X-RAY DIFFRACTION' ? 
r_chiral_restr           0.057 0.200 ? 31  'X-RAY DIFFRACTION' ? 
r_gen_planes_refined     0.007 0.020 ? 83  'X-RAY DIFFRACTION' ? 
r_nbd_refined            0.371 0.200 ? 66  'X-RAY DIFFRACTION' ? 
r_nbtor_refined          0.277 0.200 ? 103 'X-RAY DIFFRACTION' ? 
r_xyhbond_nbd_refined    0.102 0.200 ? 29  'X-RAY DIFFRACTION' ? 
r_symmetry_vdw_refined   0.180 0.200 ? 26  'X-RAY DIFFRACTION' ? 
r_symmetry_hbond_refined 0.083 0.200 ? 10  'X-RAY DIFFRACTION' ? 
r_scbond_it              0.825 3.000 ? 261 'X-RAY DIFFRACTION' ? 
r_scangle_it             1.249 4.500 ? 270 'X-RAY DIFFRACTION' ? 
# 
_refine_ls_shell.pdbx_total_number_of_bins_used   20 
_refine_ls_shell.d_res_high                       1.380 
_refine_ls_shell.d_res_low                        1.416 
_refine_ls_shell.number_reflns_R_work             216 
_refine_ls_shell.R_factor_R_work                  0.203 
_refine_ls_shell.percent_reflns_obs               65.53 
_refine_ls_shell.R_factor_R_free                  0.157 
_refine_ls_shell.R_factor_R_free_error            ? 
_refine_ls_shell.percent_reflns_R_free            ? 
_refine_ls_shell.number_reflns_R_free             14 
_refine_ls_shell.number_reflns_all                ? 
_refine_ls_shell.R_factor_all                     ? 
_refine_ls_shell.number_reflns_obs                ? 
_refine_ls_shell.redundancy_reflns_obs            ? 
_refine_ls_shell.pdbx_refine_id                   'X-RAY DIFFRACTION' 
# 
_struct.entry_id                  3IKI 
_struct.title                     '5-SMe-dU containing DNA octamer' 
_struct.pdbx_model_details        ? 
_struct.pdbx_CASP_flag            ? 
_struct.pdbx_model_type_details   ? 
# 
_struct_keywords.entry_id        3IKI 
_struct_keywords.pdbx_keywords   DNA 
_struct_keywords.text            
;Selenium, Nucleic Acid, 5-SMe-deoxyuridine, 2'-SeMe-deoxyuridine, DNA
;
# 
loop_
_struct_asym.id 
_struct_asym.pdbx_blank_PDB_chainid_flag 
_struct_asym.pdbx_modified 
_struct_asym.entity_id 
_struct_asym.details 
A N N 1 ? 
B N N 2 ? 
C N N 3 ? 
# 
_struct_biol.id        1 
_struct_biol.details   ? 
# 
loop_
_struct_conn.id 
_struct_conn.conn_type_id 
_struct_conn.pdbx_leaving_atom_flag 
_struct_conn.pdbx_PDB_id 
_struct_conn.ptnr1_label_asym_id 
_struct_conn.ptnr1_label_comp_id 
_struct_conn.ptnr1_label_seq_id 
_struct_conn.ptnr1_label_atom_id 
_struct_conn.pdbx_ptnr1_label_alt_id 
_struct_conn.pdbx_ptnr1_PDB_ins_code 
_struct_conn.pdbx_ptnr1_standard_comp_id 
_struct_conn.ptnr1_symmetry 
_struct_conn.ptnr2_label_asym_id 
_struct_conn.ptnr2_label_comp_id 
_struct_conn.ptnr2_label_seq_id 
_struct_conn.ptnr2_label_atom_id 
_struct_conn.pdbx_ptnr2_label_alt_id 
_struct_conn.pdbx_ptnr2_PDB_ins_code 
_struct_conn.ptnr1_auth_asym_id 
_struct_conn.ptnr1_auth_comp_id 
_struct_conn.ptnr1_auth_seq_id 
_struct_conn.ptnr2_auth_asym_id 
_struct_conn.ptnr2_auth_comp_id 
_struct_conn.ptnr2_auth_seq_id 
_struct_conn.ptnr2_symmetry 
_struct_conn.pdbx_ptnr3_label_atom_id 
_struct_conn.pdbx_ptnr3_label_seq_id 
_struct_conn.pdbx_ptnr3_label_comp_id 
_struct_conn.pdbx_ptnr3_label_asym_id 
_struct_conn.pdbx_ptnr3_label_alt_id 
_struct_conn.pdbx_ptnr3_PDB_ins_code 
_struct_conn.details 
_struct_conn.pdbx_dist_value 
_struct_conn.pdbx_value_order 
_struct_conn.pdbx_role 
covale1  covale both ? A DG  1 "O3'" ? ? ? 1_555 A UMS 2 P  ? ? A DG  1  A UMS 2  1_555 ? ? ? ? ? ? ?            1.601 ? ? 
covale2  covale both ? A UMS 2 "O3'" ? ? ? 1_555 A DG  3 P  ? ? A UMS 2  A DG  3  1_555 ? ? ? ? ? ? ?            1.599 ? ? 
covale3  covale both ? A DG  3 "O3'" ? ? ? 1_555 A US2 4 P  ? ? A DG  3  A US2 4  1_555 ? ? ? ? ? ? ?            1.596 ? ? 
covale4  covale both ? A US2 4 "O3'" ? ? ? 1_555 A DA  5 P  ? ? A US2 4  A DA  5  1_555 ? ? ? ? ? ? ?            1.597 ? ? 
metalc1  metalc ?    ? A DG  3 OP2   ? ? ? 1_555 B MG  . MG ? ? A DG  3  A MG  11 1_555 ? ? ? ? ? ? ?            2.123 ? ? 
metalc2  metalc ?    ? B MG  . MG    ? ? ? 1_555 C HOH . O  ? ? A MG  11 A HOH 36 1_555 ? ? ? ? ? ? ?            2.612 ? ? 
metalc3  metalc ?    ? B MG  . MG    ? ? ? 1_555 C HOH . O  ? ? A MG  11 A HOH 45 1_555 ? ? ? ? ? ? ?            2.680 ? ? 
hydrog1  hydrog ?    ? A DG  1 N1    ? ? ? 1_555 A DC  8 N3 ? ? A DG  1  A DC  8  7_555 ? ? ? ? ? ? WATSON-CRICK ?     ? ? 
hydrog2  hydrog ?    ? A DG  1 N2    ? ? ? 1_555 A DC  8 O2 ? ? A DG  1  A DC  8  7_555 ? ? ? ? ? ? WATSON-CRICK ?     ? ? 
hydrog3  hydrog ?    ? A DG  1 O6    ? ? ? 1_555 A DC  8 N4 ? ? A DG  1  A DC  8  7_555 ? ? ? ? ? ? WATSON-CRICK ?     ? ? 
hydrog4  hydrog ?    ? A UMS 2 N3    ? ? ? 1_555 A DA  7 N1 ? ? A UMS 2  A DA  7  7_555 ? ? ? ? ? ? WATSON-CRICK ?     ? ? 
hydrog5  hydrog ?    ? A UMS 2 O4    ? ? ? 1_555 A DA  7 N6 ? ? A UMS 2  A DA  7  7_555 ? ? ? ? ? ? WATSON-CRICK ?     ? ? 
hydrog6  hydrog ?    ? A DG  3 N1    ? ? ? 1_555 A DC  6 N3 ? ? A DG  3  A DC  6  7_555 ? ? ? ? ? ? WATSON-CRICK ?     ? ? 
hydrog7  hydrog ?    ? A DG  3 N2    ? ? ? 1_555 A DC  6 O2 ? ? A DG  3  A DC  6  7_555 ? ? ? ? ? ? WATSON-CRICK ?     ? ? 
hydrog8  hydrog ?    ? A DG  3 O6    ? ? ? 1_555 A DC  6 N4 ? ? A DG  3  A DC  6  7_555 ? ? ? ? ? ? WATSON-CRICK ?     ? ? 
hydrog9  hydrog ?    ? A DC  6 N3    ? ? ? 1_555 A DG  3 N1 ? ? A DC  6  A DG  3  7_555 ? ? ? ? ? ? WATSON-CRICK ?     ? ? 
hydrog10 hydrog ?    ? A DC  6 N4    ? ? ? 1_555 A DG  3 O6 ? ? A DC  6  A DG  3  7_555 ? ? ? ? ? ? WATSON-CRICK ?     ? ? 
hydrog11 hydrog ?    ? A DC  6 O2    ? ? ? 1_555 A DG  3 N2 ? ? A DC  6  A DG  3  7_555 ? ? ? ? ? ? WATSON-CRICK ?     ? ? 
hydrog12 hydrog ?    ? A DA  7 N1    ? ? ? 1_555 A UMS 2 N3 ? ? A DA  7  A UMS 2  7_555 ? ? ? ? ? ? WATSON-CRICK ?     ? ? 
hydrog13 hydrog ?    ? A DA  7 N6    ? ? ? 1_555 A UMS 2 O4 ? ? A DA  7  A UMS 2  7_555 ? ? ? ? ? ? WATSON-CRICK ?     ? ? 
hydrog14 hydrog ?    ? A DC  8 N3    ? ? ? 1_555 A DG  1 N1 ? ? A DC  8  A DG  1  7_555 ? ? ? ? ? ? WATSON-CRICK ?     ? ? 
hydrog15 hydrog ?    ? A DC  8 N4    ? ? ? 1_555 A DG  1 O6 ? ? A DC  8  A DG  1  7_555 ? ? ? ? ? ? WATSON-CRICK ?     ? ? 
hydrog16 hydrog ?    ? A DC  8 O2    ? ? ? 1_555 A DG  1 N2 ? ? A DC  8  A DG  1  7_555 ? ? ? ? ? ? WATSON-CRICK ?     ? ? 
# 
loop_
_struct_conn_type.id 
_struct_conn_type.criteria 
_struct_conn_type.reference 
covale ? ? 
metalc ? ? 
hydrog ? ? 
# 
_struct_site.id                   AC1 
_struct_site.pdbx_evidence_code   Software 
_struct_site.pdbx_auth_asym_id    A 
_struct_site.pdbx_auth_comp_id    MG 
_struct_site.pdbx_auth_seq_id     11 
_struct_site.pdbx_auth_ins_code   ? 
_struct_site.pdbx_num_residues    4 
_struct_site.details              'BINDING SITE FOR RESIDUE MG A 11' 
# 
loop_
_struct_site_gen.id 
_struct_site_gen.site_id 
_struct_site_gen.pdbx_num_res 
_struct_site_gen.label_comp_id 
_struct_site_gen.label_asym_id 
_struct_site_gen.label_seq_id 
_struct_site_gen.pdbx_auth_ins_code 
_struct_site_gen.auth_comp_id 
_struct_site_gen.auth_asym_id 
_struct_site_gen.auth_seq_id 
_struct_site_gen.label_atom_id 
_struct_site_gen.label_alt_id 
_struct_site_gen.symmetry 
_struct_site_gen.details 
1 AC1 4 UMS A 2 ? UMS A 2  . ? 1_555 ? 
2 AC1 4 DG  A 3 ? DG  A 3  . ? 1_555 ? 
3 AC1 4 HOH C . ? HOH A 36 . ? 1_555 ? 
4 AC1 4 HOH C . ? HOH A 45 . ? 1_555 ? 
# 
_atom_sites.entry_id                    3IKI 
_atom_sites.fract_transf_matrix[1][1]   -0.00025177 
_atom_sites.fract_transf_matrix[1][2]   0.01883573 
_atom_sites.fract_transf_matrix[1][3]   0.01374679 
_atom_sites.fract_transf_matrix[2][1]   0.00555848 
_atom_sites.fract_transf_matrix[2][2]   -0.01330283 
_atom_sites.fract_transf_matrix[2][3]   0.01832923 
_atom_sites.fract_transf_matrix[3][1]   0.04099767 
_atom_sites.fract_transf_matrix[3][2]   0.00629005 
_atom_sites.fract_transf_matrix[3][3]   -0.00786772 
_atom_sites.fract_transf_vector[1]      0.725559 
_atom_sites.fract_transf_vector[2]      0.701798 
_atom_sites.fract_transf_vector[3]      0.101444 
# 
loop_
_atom_type.symbol 
C  
MG 
N  
O  
P  
S  
SE 
# 
loop_
_atom_site.group_PDB 
_atom_site.id 
_atom_site.type_symbol 
_atom_site.label_atom_id 
_atom_site.label_alt_id 
_atom_site.label_comp_id 
_atom_site.label_asym_id 
_atom_site.label_entity_id 
_atom_site.label_seq_id 
_atom_site.pdbx_PDB_ins_code 
_atom_site.Cartn_x 
_atom_site.Cartn_y 
_atom_site.Cartn_z 
_atom_site.occupancy 
_atom_site.B_iso_or_equiv 
_atom_site.pdbx_formal_charge 
_atom_site.auth_seq_id 
_atom_site.auth_comp_id 
_atom_site.auth_asym_id 
_atom_site.auth_atom_id 
_atom_site.pdbx_PDB_model_num 
ATOM   1   O  "O5'"  . DG  A 1 1 ? -10.073 3.637   -8.413  1.00 10.16 ? 1  DG  A "O5'"  1 
ATOM   2   C  "C5'"  . DG  A 1 1 ? -10.157 4.399   -9.625  1.00 8.50  ? 1  DG  A "C5'"  1 
ATOM   3   C  "C4'"  . DG  A 1 1 ? -9.599  5.803   -9.444  1.00 8.52  ? 1  DG  A "C4'"  1 
ATOM   4   O  "O4'"  . DG  A 1 1 ? -10.372 6.530   -8.453  1.00 8.26  ? 1  DG  A "O4'"  1 
ATOM   5   C  "C3'"  . DG  A 1 1 ? -8.172  5.878   -8.923  1.00 8.15  ? 1  DG  A "C3'"  1 
ATOM   6   O  "O3'"  . DG  A 1 1 ? -7.254  5.724   -10.004 1.00 8.52  ? 1  DG  A "O3'"  1 
ATOM   7   C  "C2'"  . DG  A 1 1 ? -8.150  7.284   -8.333  1.00 8.35  ? 1  DG  A "C2'"  1 
ATOM   8   C  "C1'"  . DG  A 1 1 ? -9.525  7.355   -7.679  1.00 8.79  ? 1  DG  A "C1'"  1 
ATOM   9   N  N9     . DG  A 1 1 ? -9.495  6.865   -6.301  1.00 8.63  ? 1  DG  A N9     1 
ATOM   10  C  C8     . DG  A 1 1 ? -9.841  5.609   -5.855  1.00 9.29  ? 1  DG  A C8     1 
ATOM   11  N  N7     . DG  A 1 1 ? -9.687  5.455   -4.570  1.00 9.41  ? 1  DG  A N7     1 
ATOM   12  C  C5     . DG  A 1 1 ? -9.199  6.680   -4.134  1.00 8.80  ? 1  DG  A C5     1 
ATOM   13  C  C6     . DG  A 1 1 ? -8.849  7.113   -2.831  1.00 8.54  ? 1  DG  A C6     1 
ATOM   14  O  O6     . DG  A 1 1 ? -8.908  6.473   -1.773  1.00 9.84  ? 1  DG  A O6     1 
ATOM   15  N  N1     . DG  A 1 1 ? -8.396  8.429   -2.818  1.00 9.08  ? 1  DG  A N1     1 
ATOM   16  C  C2     . DG  A 1 1 ? -8.304  9.233   -3.933  1.00 9.48  ? 1  DG  A C2     1 
ATOM   17  N  N2     . DG  A 1 1 ? -7.854  10.480  -3.734  1.00 10.47 ? 1  DG  A N2     1 
ATOM   18  N  N3     . DG  A 1 1 ? -8.633  8.844   -5.162  1.00 9.12  ? 1  DG  A N3     1 
ATOM   19  C  C4     . DG  A 1 1 ? -9.068  7.559   -5.190  1.00 8.79  ? 1  DG  A C4     1 
HETATM 20  P  P      . UMS A 1 2 ? -5.848  4.984   -9.806  1.00 9.05  ? 2  UMS A P      1 
HETATM 21  O  OP1    . UMS A 1 2 ? -5.207  4.902   -11.132 1.00 10.34 ? 2  UMS A OP1    1 
HETATM 22  O  OP2    . UMS A 1 2 ? -6.038  3.766   -8.985  1.00 10.47 ? 2  UMS A OP2    1 
HETATM 23  O  "O5'"  . UMS A 1 2 ? -4.994  5.986   -8.897  1.00 8.89  ? 2  UMS A "O5'"  1 
HETATM 24  C  "C5'"  . UMS A 1 2 ? -4.562  7.227   -9.430  1.00 8.83  ? 2  UMS A "C5'"  1 
HETATM 25  C  "C4'"  . UMS A 1 2 ? -4.006  8.112   -8.342  1.00 9.12  ? 2  UMS A "C4'"  1 
HETATM 26  O  "O4'"  . UMS A 1 2 ? -5.025  8.344   -7.338  1.00 8.82  ? 2  UMS A "O4'"  1 
HETATM 27  C  "C3'"  . UMS A 1 2 ? -2.838  7.524   -7.574  1.00 10.51 ? 2  UMS A "C3'"  1 
HETATM 28  O  "O3'"  . UMS A 1 2 ? -1.676  7.701   -8.360  1.00 12.79 ? 2  UMS A "O3'"  1 
HETATM 29  C  "C2'"  . UMS A 1 2 ? -2.881  8.374   -6.304  1.00 9.97  ? 2  UMS A "C2'"  1 
HETATM 30  SE "SE2'" . UMS A 1 2 ? -2.149  10.181  -6.593  0.80 11.05 ? 2  UMS A "SE2'" 1 
HETATM 31  C  "C1'"  . UMS A 1 2 ? -4.392  8.469   -6.080  1.00 8.91  ? 2  UMS A "C1'"  1 
HETATM 32  C  "CA'"  . UMS A 1 2 ? -2.006  10.902  -4.775  1.00 11.95 ? 2  UMS A "CA'"  1 
HETATM 33  N  N1     . UMS A 1 2 ? -4.952  7.411   -5.167  1.00 9.25  ? 2  UMS A N1     1 
HETATM 34  C  C2     . UMS A 1 2 ? -4.888  7.629   -3.803  1.00 9.47  ? 2  UMS A C2     1 
HETATM 35  O  O2     . UMS A 1 2 ? -4.387  8.624   -3.313  1.00 10.23 ? 2  UMS A O2     1 
HETATM 36  N  N3     . UMS A 1 2 ? -5.421  6.632   -3.024  1.00 9.45  ? 2  UMS A N3     1 
HETATM 37  C  C4     . UMS A 1 2 ? -6.009  5.456   -3.463  1.00 9.06  ? 2  UMS A C4     1 
HETATM 38  O  O4     . UMS A 1 2 ? -6.440  4.657   -2.638  1.00 9.46  ? 2  UMS A O4     1 
HETATM 39  C  C5     . UMS A 1 2 ? -6.043  5.291   -4.897  1.00 9.55  ? 2  UMS A C5     1 
HETATM 40  C  C6     . UMS A 1 2 ? -5.527  6.254   -5.679  1.00 9.05  ? 2  UMS A C6     1 
ATOM   41  P  P      . DG  A 1 3 ? -0.404  6.735   -8.275  1.00 15.71 ? 3  DG  A P      1 
ATOM   42  O  OP1    . DG  A 1 3 ? 0.449   7.073   -9.434  1.00 17.09 ? 3  DG  A OP1    1 
ATOM   43  O  OP2    . DG  A 1 3 ? -0.850  5.352   -8.015  1.00 16.48 ? 3  DG  A OP2    1 
ATOM   44  O  "O5'"  . DG  A 1 3 ? 0.283   7.294   -6.944  1.00 15.23 ? 3  DG  A "O5'"  1 
ATOM   45  C  "C5'"  . DG  A 1 3 ? 0.567   6.434   -5.871  1.00 13.73 ? 3  DG  A "C5'"  1 
ATOM   46  C  "C4'"  . DG  A 1 3 ? 0.615   7.264   -4.609  1.00 13.22 ? 3  DG  A "C4'"  1 
ATOM   47  O  "O4'"  . DG  A 1 3 ? -0.735  7.539   -4.176  1.00 12.36 ? 3  DG  A "O4'"  1 
ATOM   48  C  "C3'"  . DG  A 1 3 ? 1.250   6.547   -3.445  1.00 12.39 ? 3  DG  A "C3'"  1 
ATOM   49  O  "O3'"  . DG  A 1 3 ? 2.698   6.708   -3.467  1.00 9.15  ? 3  DG  A "O3'"  1 
ATOM   50  C  "C2'"  . DG  A 1 3 ? 0.560   7.187   -2.249  1.00 11.58 ? 3  DG  A "C2'"  1 
ATOM   51  C  "C1'"  . DG  A 1 3 ? -0.855  7.362   -2.781  1.00 10.43 ? 3  DG  A "C1'"  1 
ATOM   52  N  N9     . DG  A 1 3 ? -1.728  6.213   -2.549  1.00 10.22 ? 3  DG  A N9     1 
ATOM   53  C  C8     . DG  A 1 3 ? -2.292  5.377   -3.482  1.00 9.97  ? 3  DG  A C8     1 
ATOM   54  N  N7     . DG  A 1 3 ? -3.037  4.440   -2.962  1.00 9.92  ? 3  DG  A N7     1 
ATOM   55  C  C5     . DG  A 1 3 ? -2.965  4.678   -1.593  1.00 9.40  ? 3  DG  A C5     1 
ATOM   56  C  C6     . DG  A 1 3 ? -3.562  3.990   -0.506  1.00 8.93  ? 3  DG  A C6     1 
ATOM   57  O  O6     . DG  A 1 3 ? -4.306  3.005   -0.549  1.00 9.41  ? 3  DG  A O6     1 
ATOM   58  N  N1     . DG  A 1 3 ? -3.224  4.556   0.725   1.00 9.13  ? 3  DG  A N1     1 
ATOM   59  C  C2     . DG  A 1 3 ? -2.405  5.650   0.895   1.00 9.39  ? 3  DG  A C2     1 
ATOM   60  N  N2     . DG  A 1 3 ? -2.176  6.070   2.150   1.00 9.27  ? 3  DG  A N2     1 
ATOM   61  N  N3     . DG  A 1 3 ? -1.847  6.306   -0.113  1.00 9.25  ? 3  DG  A N3     1 
ATOM   62  C  C4     . DG  A 1 3 ? -2.163  5.764   -1.321  1.00 9.74  ? 3  DG  A C4     1 
HETATM 63  P  P      . US2 A 1 4 ? 3.705   5.665   -2.797  1.00 9.16  ? 4  US2 A P      1 
HETATM 64  N  N1     . US2 A 1 4 ? 0.697   4.162   1.495   1.00 5.92  ? 4  US2 A N1     1 
HETATM 65  C  C6     . US2 A 1 4 ? 0.688   3.987   0.114   1.00 5.69  ? 4  US2 A C6     1 
HETATM 66  C  C2     . US2 A 1 4 ? -0.027  3.332   2.328   1.00 4.71  ? 4  US2 A C2     1 
HETATM 67  O  O2     . US2 A 1 4 ? -0.046  3.422   3.546   1.00 4.70  ? 4  US2 A O2     1 
HETATM 68  N  N3     . US2 A 1 4 ? -0.743  2.358   1.682   1.00 5.07  ? 4  US2 A N3     1 
HETATM 69  C  C4     . US2 A 1 4 ? -0.800  2.126   0.314   1.00 5.05  ? 4  US2 A C4     1 
HETATM 70  O  O4     . US2 A 1 4 ? -1.484  1.219   -0.152  1.00 5.04  ? 4  US2 A O4     1 
HETATM 71  C  C5     . US2 A 1 4 ? -0.015  3.030   -0.515  1.00 5.87  ? 4  US2 A C5     1 
HETATM 72  S  S5     . US2 A 1 4 ? 0.023   2.875   -2.265  1.00 6.82  ? 4  US2 A S5     1 
HETATM 73  C  C5A    . US2 A 1 4 ? 1.203   1.584   -2.583  1.00 9.62  ? 4  US2 A C5A    1 
HETATM 74  C  "C1'"  . US2 A 1 4 ? 1.509   5.267   2.114   1.00 5.73  ? 4  US2 A "C1'"  1 
HETATM 75  O  "O4'"  . US2 A 1 4 ? 1.788   6.268   1.140   1.00 7.43  ? 4  US2 A "O4'"  1 
HETATM 76  C  "C4'"  . US2 A 1 4 ? 3.225   6.418   1.017   1.00 6.32  ? 4  US2 A "C4'"  1 
HETATM 77  C  "C3'"  . US2 A 1 4 ? 3.775   5.084   1.505   1.00 5.74  ? 4  US2 A "C3'"  1 
HETATM 78  O  "O3'"  . US2 A 1 4 ? 5.123   5.248   1.905   1.00 5.91  ? 4  US2 A "O3'"  1 
HETATM 79  C  "C2'"  . US2 A 1 4 ? 2.844   4.789   2.675   1.00 6.02  ? 4  US2 A "C2'"  1 
HETATM 80  C  "C5'"  . US2 A 1 4 ? 3.579   6.775   -0.410  1.00 7.21  ? 4  US2 A "C5'"  1 
HETATM 81  O  "O5'"  . US2 A 1 4 ? 3.288   5.658   -1.254  1.00 7.56  ? 4  US2 A "O5'"  1 
HETATM 82  O  O1P    . US2 A 1 4 ? 3.481   4.340   -3.388  1.00 8.52  ? 4  US2 A O1P    1 
HETATM 83  O  O2P    . US2 A 1 4 ? 5.054   6.275   -2.914  1.00 11.42 ? 4  US2 A O2P    1 
ATOM   84  P  P      . DA  A 1 5 ? 6.087   3.981   2.037   1.00 6.43  ? 5  DA  A P      1 
ATOM   85  O  OP1    . DA  A 1 5 ? 7.509   4.498   2.046   1.00 11.11 ? 5  DA  A OP1    1 
ATOM   86  O  OP2    . DA  A 1 5 ? 5.745   2.909   1.042   1.00 11.96 ? 5  DA  A OP2    1 
ATOM   87  O  "O5'"  . DA  A 1 5 ? 5.752   3.455   3.510   1.00 8.28  ? 5  DA  A "O5'"  1 
ATOM   88  C  "C5'"  . DA  A 1 5 ? 5.789   2.084   3.864   1.00 8.06  ? 5  DA  A "C5'"  1 
ATOM   89  C  "C4'"  . DA  A 1 5 ? 4.878   1.867   5.054   1.00 7.41  ? 5  DA  A "C4'"  1 
ATOM   90  O  "O4'"  . DA  A 1 5 ? 3.530   2.283   4.711   1.00 7.13  ? 5  DA  A "O4'"  1 
ATOM   91  C  "C3'"  . DA  A 1 5 ? 4.760   0.422   5.512   1.00 7.28  ? 5  DA  A "C3'"  1 
ATOM   92  O  "O3'"  . DA  A 1 5 ? 5.774   0.160   6.459   1.00 7.95  ? 5  DA  A "O3'"  1 
ATOM   93  C  "C2'"  . DA  A 1 5 ? 3.379   0.405   6.148   1.00 7.02  ? 5  DA  A "C2'"  1 
ATOM   94  C  "C1'"  . DA  A 1 5 ? 2.623   1.299   5.176   1.00 6.99  ? 5  DA  A "C1'"  1 
ATOM   95  N  N9     . DA  A 1 5 ? 2.040   0.628   4.009   1.00 6.98  ? 5  DA  A N9     1 
ATOM   96  C  C8     . DA  A 1 5 ? 2.370   0.814   2.691   1.00 6.83  ? 5  DA  A C8     1 
ATOM   97  N  N7     . DA  A 1 5 ? 1.660   0.103   1.856   1.00 6.48  ? 5  DA  A N7     1 
ATOM   98  C  C5     . DA  A 1 5 ? 0.789   -0.592  2.682   1.00 6.74  ? 5  DA  A C5     1 
ATOM   99  C  C6     . DA  A 1 5 ? -0.238  -1.521  2.410   1.00 6.78  ? 5  DA  A C6     1 
ATOM   100 N  N6     . DA  A 1 5 ? -0.560  -1.910  1.174   1.00 7.73  ? 5  DA  A N6     1 
ATOM   101 N  N1     . DA  A 1 5 ? -0.919  -2.028  3.463   1.00 6.47  ? 5  DA  A N1     1 
ATOM   102 C  C2     . DA  A 1 5 ? -0.591  -1.641  4.706   1.00 6.79  ? 5  DA  A C2     1 
ATOM   103 N  N3     . DA  A 1 5 ? 0.351   -0.769  5.079   1.00 7.00  ? 5  DA  A N3     1 
ATOM   104 C  C4     . DA  A 1 5 ? 1.006   -0.279  4.014   1.00 6.90  ? 5  DA  A C4     1 
ATOM   105 P  P      . DC  A 1 6 ? 6.494   -1.269  6.485   1.00 8.67  ? 6  DC  A P      1 
ATOM   106 O  OP1    . DC  A 1 6 ? 7.494   -1.223  7.576   1.00 10.25 ? 6  DC  A OP1    1 
ATOM   107 O  OP2    . DC  A 1 6 ? 6.898   -1.648  5.118   1.00 9.64  ? 6  DC  A OP2    1 
ATOM   108 O  "O5'"  . DC  A 1 6 ? 5.332   -2.271  6.918   1.00 8.66  ? 6  DC  A "O5'"  1 
ATOM   109 C  "C5'"  . DC  A 1 6 ? 4.817   -2.235  8.243   1.00 8.90  ? 6  DC  A "C5'"  1 
ATOM   110 C  "C4'"  . DC  A 1 6 ? 3.633   -3.171  8.347   1.00 8.84  ? 6  DC  A "C4'"  1 
ATOM   111 O  "O4'"  . DC  A 1 6 ? 2.580   -2.730  7.456   1.00 8.37  ? 6  DC  A "O4'"  1 
ATOM   112 C  "C3'"  . DC  A 1 6 ? 3.916   -4.594  7.885   1.00 9.06  ? 6  DC  A "C3'"  1 
ATOM   113 O  "O3'"  . DC  A 1 6 ? 4.616   -5.327  8.883   1.00 11.60 ? 6  DC  A "O3'"  1 
ATOM   114 C  "C2'"  . DC  A 1 6 ? 2.503   -5.108  7.657   1.00 9.16  ? 6  DC  A "C2'"  1 
ATOM   115 C  "C1'"  . DC  A 1 6 ? 1.908   -3.885  6.969   1.00 8.32  ? 6  DC  A "C1'"  1 
ATOM   116 N  N1     . DC  A 1 6 ? 1.972   -3.921  5.471   1.00 7.75  ? 6  DC  A N1     1 
ATOM   117 C  C2     . DC  A 1 6 ? 1.039   -4.710  4.781   1.00 7.70  ? 6  DC  A C2     1 
ATOM   118 O  O2     . DC  A 1 6 ? 0.211   -5.358  5.438   1.00 7.91  ? 6  DC  A O2     1 
ATOM   119 N  N3     . DC  A 1 6 ? 1.073   -4.738  3.421   1.00 7.18  ? 6  DC  A N3     1 
ATOM   120 C  C4     . DC  A 1 6 ? 1.988   -4.032  2.752   1.00 7.76  ? 6  DC  A C4     1 
ATOM   121 N  N4     . DC  A 1 6 ? 1.970   -4.097  1.417   1.00 8.11  ? 6  DC  A N4     1 
ATOM   122 C  C5     . DC  A 1 6 ? 2.956   -3.225  3.429   1.00 7.58  ? 6  DC  A C5     1 
ATOM   123 C  C6     . DC  A 1 6 ? 2.909   -3.200  4.772   1.00 7.28  ? 6  DC  A C6     1 
ATOM   124 P  P      . DA  A 1 7 ? 5.546   -6.559  8.470   1.00 12.50 ? 7  DA  A P      1 
ATOM   125 O  OP1    . DA  A 1 7 ? 6.329   -6.940  9.676   1.00 13.31 ? 7  DA  A OP1    1 
ATOM   126 O  OP2    . DA  A 1 7 ? 6.236   -6.288  7.181   1.00 12.61 ? 7  DA  A OP2    1 
ATOM   127 O  "O5'"  . DA  A 1 7 ? 4.463   -7.694  8.183   1.00 10.71 ? 7  DA  A "O5'"  1 
ATOM   128 C  "C5'"  . DA  A 1 7 ? 3.673   -8.233  9.241   1.00 10.74 ? 7  DA  A "C5'"  1 
ATOM   129 C  "C4'"  . DA  A 1 7 ? 2.751   -9.276  8.651   1.00 10.31 ? 7  DA  A "C4'"  1 
ATOM   130 O  "O4'"  . DA  A 1 7 ? 1.908   -8.671  7.644   1.00 10.39 ? 7  DA  A "O4'"  1 
ATOM   131 C  "C3'"  . DA  A 1 7 ? 3.478   -10.381 7.912   1.00 10.10 ? 7  DA  A "C3'"  1 
ATOM   132 O  "O3'"  . DA  A 1 7 ? 3.850   -11.374 8.846   1.00 11.17 ? 7  DA  A "O3'"  1 
ATOM   133 C  "C2'"  . DA  A 1 7 ? 2.445   -10.885 6.917   1.00 9.62  ? 7  DA  A "C2'"  1 
ATOM   134 C  "C1'"  . DA  A 1 7 ? 1.718   -9.594  6.586   1.00 8.62  ? 7  DA  A "C1'"  1 
ATOM   135 N  N9     . DA  A 1 7 ? 2.109   -8.903  5.360   1.00 7.80  ? 7  DA  A N9     1 
ATOM   136 C  C8     . DA  A 1 7 ? 3.006   -7.872  5.221   1.00 7.82  ? 7  DA  A C8     1 
ATOM   137 N  N7     . DA  A 1 7 ? 3.121   -7.443  3.985   1.00 7.61  ? 7  DA  A N7     1 
ATOM   138 C  C5     . DA  A 1 7 ? 2.229   -8.231  3.267   1.00 7.83  ? 7  DA  A C5     1 
ATOM   139 C  C6     . DA  A 1 7 ? 1.869   -8.276  1.899   1.00 7.91  ? 7  DA  A C6     1 
ATOM   140 N  N6     . DA  A 1 7 ? 2.389   -7.453  0.982   1.00 7.48  ? 7  DA  A N6     1 
ATOM   141 N  N1     . DA  A 1 7 ? 0.949   -9.200  1.515   1.00 7.87  ? 7  DA  A N1     1 
ATOM   142 C  C2     . DA  A 1 7 ? 0.429   -10.021 2.437   1.00 8.14  ? 7  DA  A C2     1 
ATOM   143 N  N3     . DA  A 1 7 ? 0.684   -10.072 3.747   1.00 8.36  ? 7  DA  A N3     1 
ATOM   144 C  C4     . DA  A 1 7 ? 1.602   -9.142  4.101   1.00 7.77  ? 7  DA  A C4     1 
ATOM   145 P  P      . DC  A 1 8 ? 5.144   -12.264 8.581   1.00 12.05 ? 8  DC  A P      1 
ATOM   146 O  OP1    . DC  A 1 8 ? 5.313   -13.107 9.792   1.00 13.06 ? 8  DC  A OP1    1 
ATOM   147 O  OP2    . DC  A 1 8 ? 6.263   -11.402 8.137   1.00 13.42 ? 8  DC  A OP2    1 
ATOM   148 O  "O5'"  . DC  A 1 8 ? 4.711   -13.211 7.375   1.00 10.98 ? 8  DC  A "O5'"  1 
ATOM   149 C  "C5'"  . DC  A 1 8 ? 3.718   -14.211 7.612   1.00 12.10 ? 8  DC  A "C5'"  1 
ATOM   150 C  "C4'"  . DC  A 1 8 ? 3.352   -14.955 6.347   1.00 12.17 ? 8  DC  A "C4'"  1 
ATOM   151 O  "O4'"  . DC  A 1 8 ? 2.915   -13.988 5.356   1.00 11.58 ? 8  DC  A "O4'"  1 
ATOM   152 C  "C3'"  . DC  A 1 8 ? 4.481   -15.776 5.725   1.00 13.10 ? 8  DC  A "C3'"  1 
ATOM   153 O  "O3'"  . DC  A 1 8 ? 3.990   -17.067 5.385   1.00 15.88 ? 8  DC  A "O3'"  1 
ATOM   154 C  "C2'"  . DC  A 1 8 ? 4.870   -14.994 4.475   1.00 12.36 ? 8  DC  A "C2'"  1 
ATOM   155 C  "C1'"  . DC  A 1 8 ? 3.592   -14.224 4.140   1.00 11.18 ? 8  DC  A "C1'"  1 
ATOM   156 N  N1     . DC  A 1 8 ? 3.888   -12.932 3.451   1.00 10.63 ? 8  DC  A N1     1 
ATOM   157 C  C2     . DC  A 1 8 ? 3.357   -12.676 2.175   1.00 10.15 ? 8  DC  A C2     1 
ATOM   158 O  O2     . DC  A 1 8 ? 2.627   -13.517 1.631   1.00 10.11 ? 8  DC  A O2     1 
ATOM   159 N  N3     . DC  A 1 8 ? 3.670   -11.503 1.561   1.00 9.75  ? 8  DC  A N3     1 
ATOM   160 C  C4     . DC  A 1 8 ? 4.462   -10.608 2.168   1.00 9.68  ? 8  DC  A C4     1 
ATOM   161 N  N4     . DC  A 1 8 ? 4.742   -9.469  1.517   1.00 9.22  ? 8  DC  A N4     1 
ATOM   162 C  C5     . DC  A 1 8 ? 5.001   -10.843 3.472   1.00 9.76  ? 8  DC  A C5     1 
ATOM   163 C  C6     . DC  A 1 8 ? 4.696   -12.005 4.061   1.00 10.05 ? 8  DC  A C6     1 
HETATM 164 MG MG     . MG  B 2 . ? -2.075  4.220   -6.701  1.00 31.29 ? 11 MG  A MG     1 
HETATM 165 O  O      . HOH C 3 . ? 3.338   -14.277 11.165  1.00 13.71 ? 21 HOH A O      1 
HETATM 166 O  O      . HOH C 3 . ? -6.250  3.280   -13.029 1.00 14.32 ? 22 HOH A O      1 
HETATM 167 O  O      . HOH C 3 . ? -0.158  -13.572 1.270   1.00 14.62 ? 23 HOH A O      1 
HETATM 168 O  O      . HOH C 3 . ? -6.103  1.872   -2.224  1.00 12.64 ? 24 HOH A O      1 
HETATM 169 O  O      . HOH C 3 . ? 2.762   -1.107  -0.319  1.00 22.12 ? 25 HOH A O      1 
HETATM 170 O  O      . HOH C 3 . ? 2.247   3.222   -5.507  1.00 21.24 ? 26 HOH A O      1 
HETATM 171 O  O      . HOH C 3 . ? -12.469 2.276   -7.871  1.00 16.25 ? 27 HOH A O      1 
HETATM 172 O  O      . HOH C 3 . ? -13.678 2.829   -10.503 1.00 13.17 ? 28 HOH A O      1 
HETATM 173 O  O      . HOH C 3 . ? -0.137  -15.852 -0.635  1.00 20.65 ? 29 HOH A O      1 
HETATM 174 O  O      . HOH C 3 . ? -1.929  -13.001 3.501   1.00 19.48 ? 30 HOH A O      1 
HETATM 175 O  O      . HOH C 3 . ? -8.205  13.000  -4.840  1.00 16.74 ? 31 HOH A O      1 
HETATM 176 O  O      . HOH C 3 . ? -4.149  2.303   -4.272  1.00 20.02 ? 32 HOH A O      1 
HETATM 177 O  O      . HOH C 3 . ? -4.386  2.910   -15.118 1.00 23.24 ? 33 HOH A O      1 
HETATM 178 O  O      . HOH C 3 . ? 5.829   -1.171  2.395   1.00 17.86 ? 34 HOH A O      1 
HETATM 179 O  O      . HOH C 3 . ? 7.575   -10.730 6.017   1.00 21.98 ? 35 HOH A O      1 
HETATM 180 O  O      . HOH C 3 . ? -4.168  2.734   -7.185  1.00 21.99 ? 36 HOH A O      1 
HETATM 181 O  O      . HOH C 3 . ? -10.478 3.024   -3.828  1.00 25.02 ? 37 HOH A O      1 
HETATM 182 O  O      . HOH C 3 . ? -2.915  5.061   -12.171 1.00 23.32 ? 38 HOH A O      1 
HETATM 183 O  O      . HOH C 3 . ? 4.393   9.284   -4.026  1.00 29.16 ? 39 HOH A O      1 
HETATM 184 O  O      . HOH C 3 . ? 6.828   0.549   0.656   1.00 24.12 ? 40 HOH A O      1 
HETATM 185 O  O      . HOH C 3 . ? -9.763  4.103   -0.975  1.00 20.77 ? 41 HOH A O      1 
HETATM 186 O  O      . HOH C 3 . ? -7.923  2.024   -8.440  1.00 25.85 ? 42 HOH A O      1 
HETATM 187 O  O      . HOH C 3 . ? 7.154   -8.152  5.415   1.00 23.54 ? 43 HOH A O      1 
HETATM 188 O  O      . HOH C 3 . ? 9.128   -0.049  4.268   1.00 21.88 ? 44 HOH A O      1 
HETATM 189 O  O      . HOH C 3 . ? -0.264  2.439   -5.845  1.00 23.74 ? 45 HOH A O      1 
HETATM 190 O  O      . HOH C 3 . ? 4.780   -2.984  0.479   1.00 32.35 ? 46 HOH A O      1 
HETATM 191 O  O      . HOH C 3 . ? 5.090   -5.765  2.689   1.00 22.00 ? 47 HOH A O      1 
HETATM 192 O  O      . HOH C 3 . ? -0.607  8.804   -11.598 1.00 20.11 ? 48 HOH A O      1 
HETATM 193 O  O      . HOH C 3 . ? 0.574   -2.098  -1.836  1.00 26.87 ? 49 HOH A O      1 
HETATM 194 O  O      . HOH C 3 . ? 6.885   -4.325  4.643   1.00 28.99 ? 50 HOH A O      1 
HETATM 195 O  O      . HOH C 3 . ? -1.630  -0.503  -2.223  1.00 25.65 ? 51 HOH A O      1 
HETATM 196 O  O      . HOH C 3 . ? -1.775  7.014   -13.488 1.00 25.43 ? 52 HOH A O      1 
HETATM 197 O  O      . HOH C 3 . ? 7.470   -9.694  9.759   1.00 30.65 ? 53 HOH A O      1 
HETATM 198 O  O      . HOH C 3 . ? 4.559   2.660   -1.366  1.00 30.58 ? 54 HOH A O      1 
HETATM 199 O  O      . HOH C 3 . ? 1.630   10.386  -3.684  1.00 33.94 ? 55 HOH A O      1 
HETATM 200 O  O      . HOH C 3 . ? 6.723   4.367   -5.151  1.00 40.65 ? 56 HOH A O      1 
HETATM 201 O  O      . HOH C 3 . ? 0.370   0.209   7.772   1.00 8.40  ? 57 HOH A O      1 
HETATM 202 O  O      . HOH C 3 . ? 0.192   -12.656 5.153   1.00 14.40 ? 58 HOH A O      1 
# 
loop_
_pdbx_poly_seq_scheme.asym_id 
_pdbx_poly_seq_scheme.entity_id 
_pdbx_poly_seq_scheme.seq_id 
_pdbx_poly_seq_scheme.mon_id 
_pdbx_poly_seq_scheme.ndb_seq_num 
_pdbx_poly_seq_scheme.pdb_seq_num 
_pdbx_poly_seq_scheme.auth_seq_num 
_pdbx_poly_seq_scheme.pdb_mon_id 
_pdbx_poly_seq_scheme.auth_mon_id 
_pdbx_poly_seq_scheme.pdb_strand_id 
_pdbx_poly_seq_scheme.pdb_ins_code 
_pdbx_poly_seq_scheme.hetero 
A 1 1 DG  1 1 1 DG  G   A . n 
A 1 2 UMS 2 2 2 UMS UMS A . n 
A 1 3 DG  3 3 3 DG  G   A . n 
A 1 4 US2 4 4 4 US2 USM A . n 
A 1 5 DA  5 5 5 DA  A   A . n 
A 1 6 DC  6 6 6 DC  C   A . n 
A 1 7 DA  7 7 7 DA  A   A . n 
A 1 8 DC  8 8 8 DC  C   A . n 
# 
loop_
_pdbx_nonpoly_scheme.asym_id 
_pdbx_nonpoly_scheme.entity_id 
_pdbx_nonpoly_scheme.mon_id 
_pdbx_nonpoly_scheme.ndb_seq_num 
_pdbx_nonpoly_scheme.pdb_seq_num 
_pdbx_nonpoly_scheme.auth_seq_num 
_pdbx_nonpoly_scheme.pdb_mon_id 
_pdbx_nonpoly_scheme.auth_mon_id 
_pdbx_nonpoly_scheme.pdb_strand_id 
_pdbx_nonpoly_scheme.pdb_ins_code 
B 2 MG  1  11 11 MG  MG  A . 
C 3 HOH 1  21 21 HOH HOH A . 
C 3 HOH 2  22 22 HOH HOH A . 
C 3 HOH 3  23 23 HOH HOH A . 
C 3 HOH 4  24 24 HOH HOH A . 
C 3 HOH 5  25 25 HOH HOH A . 
C 3 HOH 6  26 26 HOH HOH A . 
C 3 HOH 7  27 27 HOH HOH A . 
C 3 HOH 8  28 28 HOH HOH A . 
C 3 HOH 9  29 29 HOH HOH A . 
C 3 HOH 10 30 30 HOH HOH A . 
C 3 HOH 11 31 31 HOH HOH A . 
C 3 HOH 12 32 32 HOH HOH A . 
C 3 HOH 13 33 33 HOH HOH A . 
C 3 HOH 14 34 34 HOH HOH A . 
C 3 HOH 15 35 35 HOH HOH A . 
C 3 HOH 16 36 36 HOH HOH A . 
C 3 HOH 17 37 37 HOH HOH A . 
C 3 HOH 18 38 38 HOH HOH A . 
C 3 HOH 19 39 39 HOH HOH A . 
C 3 HOH 20 40 40 HOH HOH A . 
C 3 HOH 21 41 41 HOH HOH A . 
C 3 HOH 22 42 42 HOH HOH A . 
C 3 HOH 23 43 43 HOH HOH A . 
C 3 HOH 24 44 44 HOH HOH A . 
C 3 HOH 25 45 45 HOH HOH A . 
C 3 HOH 26 46 46 HOH HOH A . 
C 3 HOH 27 47 47 HOH HOH A . 
C 3 HOH 28 48 48 HOH HOH A . 
C 3 HOH 29 49 49 HOH HOH A . 
C 3 HOH 30 50 50 HOH HOH A . 
C 3 HOH 31 51 51 HOH HOH A . 
C 3 HOH 32 52 52 HOH HOH A . 
C 3 HOH 33 53 53 HOH HOH A . 
C 3 HOH 34 54 54 HOH HOH A . 
C 3 HOH 35 55 55 HOH HOH A . 
C 3 HOH 36 56 56 HOH HOH A . 
C 3 HOH 37 57 57 HOH HOH A . 
C 3 HOH 38 58 58 HOH HOH A . 
# 
loop_
_pdbx_struct_mod_residue.id 
_pdbx_struct_mod_residue.label_asym_id 
_pdbx_struct_mod_residue.label_comp_id 
_pdbx_struct_mod_residue.label_seq_id 
_pdbx_struct_mod_residue.auth_asym_id 
_pdbx_struct_mod_residue.auth_comp_id 
_pdbx_struct_mod_residue.auth_seq_id 
_pdbx_struct_mod_residue.PDB_ins_code 
_pdbx_struct_mod_residue.parent_comp_id 
_pdbx_struct_mod_residue.details 
1 A UMS 2 A UMS 2 ? DU ? 
2 A US2 4 A US2 4 ? DU ? 
# 
_pdbx_struct_assembly.id                   1 
_pdbx_struct_assembly.details              author_and_software_defined_assembly 
_pdbx_struct_assembly.method_details       PISA 
_pdbx_struct_assembly.oligomeric_details   dimeric 
_pdbx_struct_assembly.oligomeric_count     2 
# 
_pdbx_struct_assembly_gen.assembly_id       1 
_pdbx_struct_assembly_gen.oper_expression   1,2 
_pdbx_struct_assembly_gen.asym_id_list      A,B,C 
# 
loop_
_pdbx_struct_assembly_prop.biol_id 
_pdbx_struct_assembly_prop.type 
_pdbx_struct_assembly_prop.value 
_pdbx_struct_assembly_prop.details 
1 'ABSA (A^2)' 2240 ? 
1 MORE         -12  ? 
1 'SSA (A^2)'  2810 ? 
# 
loop_
_pdbx_struct_oper_list.id 
_pdbx_struct_oper_list.type 
_pdbx_struct_oper_list.name 
_pdbx_struct_oper_list.symmetry_operation 
_pdbx_struct_oper_list.matrix[1][1] 
_pdbx_struct_oper_list.matrix[1][2] 
_pdbx_struct_oper_list.matrix[1][3] 
_pdbx_struct_oper_list.vector[1] 
_pdbx_struct_oper_list.matrix[2][1] 
_pdbx_struct_oper_list.matrix[2][2] 
_pdbx_struct_oper_list.matrix[2][3] 
_pdbx_struct_oper_list.vector[2] 
_pdbx_struct_oper_list.matrix[3][1] 
_pdbx_struct_oper_list.matrix[3][2] 
_pdbx_struct_oper_list.matrix[3][3] 
_pdbx_struct_oper_list.vector[3] 
1 'identity operation'         1_555 x,y,z  1.0000000000  0.0000000000 0.0000000000 0.0000000000  0.0000000000 1.0000000000  0.0000000000 0.0000000000  0.0000000000 0.0000000000 1.0000000000 0.0000000000 
2 'crystal symmetry operation' 7_555 y,x,-z -0.9482161672 0.0539910799 0.3130032964 -4.4131610919 0.0539910799 -0.9437075908 0.3263448273 -2.1202111127 0.3130032964 0.3263448273 0.8919237580 1.0958443172 
# 
loop_
_pdbx_struct_conn_angle.id 
_pdbx_struct_conn_angle.ptnr1_label_atom_id 
_pdbx_struct_conn_angle.ptnr1_label_alt_id 
_pdbx_struct_conn_angle.ptnr1_label_asym_id 
_pdbx_struct_conn_angle.ptnr1_label_comp_id 
_pdbx_struct_conn_angle.ptnr1_label_seq_id 
_pdbx_struct_conn_angle.ptnr1_auth_atom_id 
_pdbx_struct_conn_angle.ptnr1_auth_asym_id 
_pdbx_struct_conn_angle.ptnr1_auth_comp_id 
_pdbx_struct_conn_angle.ptnr1_auth_seq_id 
_pdbx_struct_conn_angle.ptnr1_PDB_ins_code 
_pdbx_struct_conn_angle.ptnr1_symmetry 
_pdbx_struct_conn_angle.ptnr2_label_atom_id 
_pdbx_struct_conn_angle.ptnr2_label_alt_id 
_pdbx_struct_conn_angle.ptnr2_label_asym_id 
_pdbx_struct_conn_angle.ptnr2_label_comp_id 
_pdbx_struct_conn_angle.ptnr2_label_seq_id 
_pdbx_struct_conn_angle.ptnr2_auth_atom_id 
_pdbx_struct_conn_angle.ptnr2_auth_asym_id 
_pdbx_struct_conn_angle.ptnr2_auth_comp_id 
_pdbx_struct_conn_angle.ptnr2_auth_seq_id 
_pdbx_struct_conn_angle.ptnr2_PDB_ins_code 
_pdbx_struct_conn_angle.ptnr2_symmetry 
_pdbx_struct_conn_angle.ptnr3_label_atom_id 
_pdbx_struct_conn_angle.ptnr3_label_alt_id 
_pdbx_struct_conn_angle.ptnr3_label_asym_id 
_pdbx_struct_conn_angle.ptnr3_label_comp_id 
_pdbx_struct_conn_angle.ptnr3_label_seq_id 
_pdbx_struct_conn_angle.ptnr3_auth_atom_id 
_pdbx_struct_conn_angle.ptnr3_auth_asym_id 
_pdbx_struct_conn_angle.ptnr3_auth_comp_id 
_pdbx_struct_conn_angle.ptnr3_auth_seq_id 
_pdbx_struct_conn_angle.ptnr3_PDB_ins_code 
_pdbx_struct_conn_angle.ptnr3_symmetry 
_pdbx_struct_conn_angle.value 
_pdbx_struct_conn_angle.value_esd 
1 OP2 ? A DG  3 ? A DG  3  ? 1_555 MG ? B MG . ? A MG 11 ? 1_555 O ? C HOH . ? A HOH 36 ? 1_555 130.6 ? 
2 OP2 ? A DG  3 ? A DG  3  ? 1_555 MG ? B MG . ? A MG 11 ? 1_555 O ? C HOH . ? A HOH 45 ? 1_555 99.3  ? 
3 O   ? C HOH . ? A HOH 36 ? 1_555 MG ? B MG . ? A MG 11 ? 1_555 O ? C HOH . ? A HOH 45 ? 1_555 102.8 ? 
# 
loop_
_pdbx_audit_revision_history.ordinal 
_pdbx_audit_revision_history.data_content_type 
_pdbx_audit_revision_history.major_revision 
_pdbx_audit_revision_history.minor_revision 
_pdbx_audit_revision_history.revision_date 
1 'Structure model' 1 0 2010-03-09 
2 'Structure model' 1 1 2011-07-13 
3 'Structure model' 1 2 2012-06-13 
4 'Structure model' 1 3 2012-09-26 
5 'Structure model' 1 4 2023-09-06 
# 
_pdbx_audit_revision_details.ordinal             1 
_pdbx_audit_revision_details.revision_ordinal    1 
_pdbx_audit_revision_details.data_content_type   'Structure model' 
_pdbx_audit_revision_details.provider            repository 
_pdbx_audit_revision_details.type                'Initial release' 
_pdbx_audit_revision_details.description         ? 
_pdbx_audit_revision_details.details             ? 
# 
loop_
_pdbx_audit_revision_group.ordinal 
_pdbx_audit_revision_group.revision_ordinal 
_pdbx_audit_revision_group.data_content_type 
_pdbx_audit_revision_group.group 
1 2 'Structure model' Advisory                    
2 2 'Structure model' 'Version format compliance' 
3 3 'Structure model' 'Database references'       
4 4 'Structure model' 'Database references'       
5 5 'Structure model' 'Data collection'           
6 5 'Structure model' 'Database references'       
7 5 'Structure model' 'Derived calculations'      
8 5 'Structure model' 'Refinement description'    
# 
loop_
_pdbx_audit_revision_category.ordinal 
_pdbx_audit_revision_category.revision_ordinal 
_pdbx_audit_revision_category.data_content_type 
_pdbx_audit_revision_category.category 
1 5 'Structure model' chem_comp_atom                
2 5 'Structure model' chem_comp_bond                
3 5 'Structure model' database_2                    
4 5 'Structure model' pdbx_initial_refinement_model 
5 5 'Structure model' struct_conn                   
6 5 'Structure model' struct_site                   
# 
loop_
_pdbx_audit_revision_item.ordinal 
_pdbx_audit_revision_item.revision_ordinal 
_pdbx_audit_revision_item.data_content_type 
_pdbx_audit_revision_item.item 
1  5 'Structure model' '_database_2.pdbx_DOI'                
2  5 'Structure model' '_database_2.pdbx_database_accession' 
3  5 'Structure model' '_struct_conn.conn_type_id'           
4  5 'Structure model' '_struct_conn.id'                     
5  5 'Structure model' '_struct_conn.pdbx_dist_value'        
6  5 'Structure model' '_struct_conn.pdbx_leaving_atom_flag' 
7  5 'Structure model' '_struct_conn.ptnr1_auth_comp_id'     
8  5 'Structure model' '_struct_conn.ptnr1_auth_seq_id'      
9  5 'Structure model' '_struct_conn.ptnr1_label_atom_id'    
10 5 'Structure model' '_struct_conn.ptnr1_label_comp_id'    
11 5 'Structure model' '_struct_conn.ptnr1_label_seq_id'     
12 5 'Structure model' '_struct_conn.ptnr2_auth_comp_id'     
13 5 'Structure model' '_struct_conn.ptnr2_auth_seq_id'      
14 5 'Structure model' '_struct_conn.ptnr2_label_asym_id'    
15 5 'Structure model' '_struct_conn.ptnr2_label_atom_id'    
16 5 'Structure model' '_struct_conn.ptnr2_label_comp_id'    
17 5 'Structure model' '_struct_conn.ptnr2_label_seq_id'     
18 5 'Structure model' '_struct_site.pdbx_auth_asym_id'      
19 5 'Structure model' '_struct_site.pdbx_auth_comp_id'      
20 5 'Structure model' '_struct_site.pdbx_auth_seq_id'       
# 
_pdbx_refine_tls.pdbx_refine_id   'X-RAY DIFFRACTION' 
_pdbx_refine_tls.id               1 
_pdbx_refine_tls.details          ? 
_pdbx_refine_tls.method           refined 
_pdbx_refine_tls.origin_x         0.0714 
_pdbx_refine_tls.origin_y         0.0957 
_pdbx_refine_tls.origin_z         0.5490 
_pdbx_refine_tls.T[1][1]          0.0057 
_pdbx_refine_tls.T[2][2]          0.0171 
_pdbx_refine_tls.T[3][3]          -0.0039 
_pdbx_refine_tls.T[1][2]          0.0060 
_pdbx_refine_tls.T[1][3]          -0.0021 
_pdbx_refine_tls.T[2][3]          0.0076 
_pdbx_refine_tls.L[1][1]          0.4482 
_pdbx_refine_tls.L[2][2]          0.8648 
_pdbx_refine_tls.L[3][3]          0.4672 
_pdbx_refine_tls.L[1][2]          -0.3224 
_pdbx_refine_tls.L[1][3]          0.2871 
_pdbx_refine_tls.L[2][3]          -0.5735 
_pdbx_refine_tls.S[1][1]          -0.0254 
_pdbx_refine_tls.S[1][2]          0.0617 
_pdbx_refine_tls.S[1][3]          0.0083 
_pdbx_refine_tls.S[2][1]          0.0122 
_pdbx_refine_tls.S[2][2]          -0.0539 
_pdbx_refine_tls.S[2][3]          -0.0517 
_pdbx_refine_tls.S[3][1]          0.0033 
_pdbx_refine_tls.S[3][2]          0.0589 
_pdbx_refine_tls.S[3][3]          0.0793 
# 
_pdbx_refine_tls_group.pdbx_refine_id      'X-RAY DIFFRACTION' 
_pdbx_refine_tls_group.id                  1 
_pdbx_refine_tls_group.refine_tls_id       1 
_pdbx_refine_tls_group.beg_auth_asym_id    A 
_pdbx_refine_tls_group.beg_auth_seq_id     1 
_pdbx_refine_tls_group.beg_label_asym_id   ? 
_pdbx_refine_tls_group.beg_label_seq_id    ? 
_pdbx_refine_tls_group.end_auth_asym_id    A 
_pdbx_refine_tls_group.end_auth_seq_id     8 
_pdbx_refine_tls_group.end_label_asym_id   ? 
_pdbx_refine_tls_group.end_label_seq_id    ? 
_pdbx_refine_tls_group.selection           ? 
_pdbx_refine_tls_group.selection_details   ? 
# 
loop_
_software.name 
_software.classification 
_software.version 
_software.citation_id 
_software.pdbx_ordinal 
CBASS    'data collection' .        ? 1 
PHASES   phasing           .        ? 2 
REFMAC   refinement        5.2.0019 ? 3 
HKL-2000 'data reduction'  .        ? 4 
HKL-2000 'data scaling'    .        ? 5 
# 
_pdbx_validate_rmsd_angle.id                         1 
_pdbx_validate_rmsd_angle.PDB_model_num              1 
_pdbx_validate_rmsd_angle.auth_atom_id_1             "O4'" 
_pdbx_validate_rmsd_angle.auth_asym_id_1             A 
_pdbx_validate_rmsd_angle.auth_comp_id_1             DC 
_pdbx_validate_rmsd_angle.auth_seq_id_1              8 
_pdbx_validate_rmsd_angle.PDB_ins_code_1             ? 
_pdbx_validate_rmsd_angle.label_alt_id_1             ? 
_pdbx_validate_rmsd_angle.auth_atom_id_2             "C1'" 
_pdbx_validate_rmsd_angle.auth_asym_id_2             A 
_pdbx_validate_rmsd_angle.auth_comp_id_2             DC 
_pdbx_validate_rmsd_angle.auth_seq_id_2              8 
_pdbx_validate_rmsd_angle.PDB_ins_code_2             ? 
_pdbx_validate_rmsd_angle.label_alt_id_2             ? 
_pdbx_validate_rmsd_angle.auth_atom_id_3             N1 
_pdbx_validate_rmsd_angle.auth_asym_id_3             A 
_pdbx_validate_rmsd_angle.auth_comp_id_3             DC 
_pdbx_validate_rmsd_angle.auth_seq_id_3              8 
_pdbx_validate_rmsd_angle.PDB_ins_code_3             ? 
_pdbx_validate_rmsd_angle.label_alt_id_3             ? 
_pdbx_validate_rmsd_angle.angle_value                110.35 
_pdbx_validate_rmsd_angle.angle_target_value         108.30 
_pdbx_validate_rmsd_angle.angle_deviation            2.05 
_pdbx_validate_rmsd_angle.angle_standard_deviation   0.30 
_pdbx_validate_rmsd_angle.linker_flag                N 
# 
loop_
_chem_comp_atom.comp_id 
_chem_comp_atom.atom_id 
_chem_comp_atom.type_symbol 
_chem_comp_atom.pdbx_aromatic_flag 
_chem_comp_atom.pdbx_stereo_config 
_chem_comp_atom.pdbx_ordinal 
DA  OP3    O  N N 1   
DA  P      P  N N 2   
DA  OP1    O  N N 3   
DA  OP2    O  N N 4   
DA  "O5'"  O  N N 5   
DA  "C5'"  C  N N 6   
DA  "C4'"  C  N R 7   
DA  "O4'"  O  N N 8   
DA  "C3'"  C  N S 9   
DA  "O3'"  O  N N 10  
DA  "C2'"  C  N N 11  
DA  "C1'"  C  N R 12  
DA  N9     N  Y N 13  
DA  C8     C  Y N 14  
DA  N7     N  Y N 15  
DA  C5     C  Y N 16  
DA  C6     C  Y N 17  
DA  N6     N  N N 18  
DA  N1     N  Y N 19  
DA  C2     C  Y N 20  
DA  N3     N  Y N 21  
DA  C4     C  Y N 22  
DA  HOP3   H  N N 23  
DA  HOP2   H  N N 24  
DA  "H5'"  H  N N 25  
DA  "H5''" H  N N 26  
DA  "H4'"  H  N N 27  
DA  "H3'"  H  N N 28  
DA  "HO3'" H  N N 29  
DA  "H2'"  H  N N 30  
DA  "H2''" H  N N 31  
DA  "H1'"  H  N N 32  
DA  H8     H  N N 33  
DA  H61    H  N N 34  
DA  H62    H  N N 35  
DA  H2     H  N N 36  
DC  OP3    O  N N 37  
DC  P      P  N N 38  
DC  OP1    O  N N 39  
DC  OP2    O  N N 40  
DC  "O5'"  O  N N 41  
DC  "C5'"  C  N N 42  
DC  "C4'"  C  N R 43  
DC  "O4'"  O  N N 44  
DC  "C3'"  C  N S 45  
DC  "O3'"  O  N N 46  
DC  "C2'"  C  N N 47  
DC  "C1'"  C  N R 48  
DC  N1     N  N N 49  
DC  C2     C  N N 50  
DC  O2     O  N N 51  
DC  N3     N  N N 52  
DC  C4     C  N N 53  
DC  N4     N  N N 54  
DC  C5     C  N N 55  
DC  C6     C  N N 56  
DC  HOP3   H  N N 57  
DC  HOP2   H  N N 58  
DC  "H5'"  H  N N 59  
DC  "H5''" H  N N 60  
DC  "H4'"  H  N N 61  
DC  "H3'"  H  N N 62  
DC  "HO3'" H  N N 63  
DC  "H2'"  H  N N 64  
DC  "H2''" H  N N 65  
DC  "H1'"  H  N N 66  
DC  H41    H  N N 67  
DC  H42    H  N N 68  
DC  H5     H  N N 69  
DC  H6     H  N N 70  
DG  OP3    O  N N 71  
DG  P      P  N N 72  
DG  OP1    O  N N 73  
DG  OP2    O  N N 74  
DG  "O5'"  O  N N 75  
DG  "C5'"  C  N N 76  
DG  "C4'"  C  N R 77  
DG  "O4'"  O  N N 78  
DG  "C3'"  C  N S 79  
DG  "O3'"  O  N N 80  
DG  "C2'"  C  N N 81  
DG  "C1'"  C  N R 82  
DG  N9     N  Y N 83  
DG  C8     C  Y N 84  
DG  N7     N  Y N 85  
DG  C5     C  Y N 86  
DG  C6     C  N N 87  
DG  O6     O  N N 88  
DG  N1     N  N N 89  
DG  C2     C  N N 90  
DG  N2     N  N N 91  
DG  N3     N  N N 92  
DG  C4     C  Y N 93  
DG  HOP3   H  N N 94  
DG  HOP2   H  N N 95  
DG  "H5'"  H  N N 96  
DG  "H5''" H  N N 97  
DG  "H4'"  H  N N 98  
DG  "H3'"  H  N N 99  
DG  "HO3'" H  N N 100 
DG  "H2'"  H  N N 101 
DG  "H2''" H  N N 102 
DG  "H1'"  H  N N 103 
DG  H8     H  N N 104 
DG  H1     H  N N 105 
DG  H21    H  N N 106 
DG  H22    H  N N 107 
HOH O      O  N N 108 
HOH H1     H  N N 109 
HOH H2     H  N N 110 
MG  MG     MG N N 111 
UMS OP3    O  N N 112 
UMS P      P  N N 113 
UMS OP1    O  N N 114 
UMS OP2    O  N N 115 
UMS "O5'"  O  N N 116 
UMS "C5'"  C  N N 117 
UMS "C4'"  C  N R 118 
UMS "O4'"  O  N N 119 
UMS "C3'"  C  N R 120 
UMS "O3'"  O  N N 121 
UMS "C2'"  C  N R 122 
UMS "SE2'" SE N N 123 
UMS "C1'"  C  N R 124 
UMS "CA'"  C  N N 125 
UMS N1     N  N N 126 
UMS C2     C  N N 127 
UMS O2     O  N N 128 
UMS N3     N  N N 129 
UMS C4     C  N N 130 
UMS O4     O  N N 131 
UMS C5     C  N N 132 
UMS C6     C  N N 133 
UMS HOP3   H  N N 134 
UMS HOP2   H  N N 135 
UMS "H5'"  H  N N 136 
UMS "H5'2" H  N N 137 
UMS "H4'"  H  N N 138 
UMS "H3'"  H  N N 139 
UMS "HO3'" H  N N 140 
UMS "H2'"  H  N N 141 
UMS "H1'"  H  N N 142 
UMS "HA'"  H  N N 143 
UMS "HA'2" H  N N 144 
UMS "HA'3" H  N N 145 
UMS H3     H  N N 146 
UMS H5     H  N N 147 
UMS H6     H  N N 148 
US2 P      P  N N 149 
US2 N1     N  N N 150 
US2 C6     C  N N 151 
US2 C2     C  N N 152 
US2 O2     O  N N 153 
US2 N3     N  N N 154 
US2 C4     C  N N 155 
US2 O4     O  N N 156 
US2 C5     C  N N 157 
US2 S5     S  N N 158 
US2 C5A    C  N N 159 
US2 "C1'"  C  N R 160 
US2 "O4'"  O  N N 161 
US2 "C4'"  C  N R 162 
US2 "C3'"  C  N S 163 
US2 "O3'"  O  N N 164 
US2 "C2'"  C  N N 165 
US2 "C5'"  C  N N 166 
US2 "O5'"  O  N N 167 
US2 O1P    O  N N 168 
US2 O2P    O  N N 169 
US2 H6     H  N N 170 
US2 HN3    H  N N 171 
US2 H15A   H  N N 172 
US2 H25A   H  N N 173 
US2 H35A   H  N N 174 
US2 "H1'"  H  N N 175 
US2 "H4'"  H  N N 176 
US2 "H3'"  H  N N 177 
US2 "HO3'" H  N N 178 
US2 "H12'" H  N N 179 
US2 "H22'" H  N N 180 
US2 "H15'" H  N N 181 
US2 "H25'" H  N N 182 
US2 O3P    O  N N 183 
US2 HO2P   H  N N 184 
US2 HO3P   H  N N 185 
# 
loop_
_chem_comp_bond.comp_id 
_chem_comp_bond.atom_id_1 
_chem_comp_bond.atom_id_2 
_chem_comp_bond.value_order 
_chem_comp_bond.pdbx_aromatic_flag 
_chem_comp_bond.pdbx_stereo_config 
_chem_comp_bond.pdbx_ordinal 
DA  OP3    P      sing N N 1   
DA  OP3    HOP3   sing N N 2   
DA  P      OP1    doub N N 3   
DA  P      OP2    sing N N 4   
DA  P      "O5'"  sing N N 5   
DA  OP2    HOP2   sing N N 6   
DA  "O5'"  "C5'"  sing N N 7   
DA  "C5'"  "C4'"  sing N N 8   
DA  "C5'"  "H5'"  sing N N 9   
DA  "C5'"  "H5''" sing N N 10  
DA  "C4'"  "O4'"  sing N N 11  
DA  "C4'"  "C3'"  sing N N 12  
DA  "C4'"  "H4'"  sing N N 13  
DA  "O4'"  "C1'"  sing N N 14  
DA  "C3'"  "O3'"  sing N N 15  
DA  "C3'"  "C2'"  sing N N 16  
DA  "C3'"  "H3'"  sing N N 17  
DA  "O3'"  "HO3'" sing N N 18  
DA  "C2'"  "C1'"  sing N N 19  
DA  "C2'"  "H2'"  sing N N 20  
DA  "C2'"  "H2''" sing N N 21  
DA  "C1'"  N9     sing N N 22  
DA  "C1'"  "H1'"  sing N N 23  
DA  N9     C8     sing Y N 24  
DA  N9     C4     sing Y N 25  
DA  C8     N7     doub Y N 26  
DA  C8     H8     sing N N 27  
DA  N7     C5     sing Y N 28  
DA  C5     C6     sing Y N 29  
DA  C5     C4     doub Y N 30  
DA  C6     N6     sing N N 31  
DA  C6     N1     doub Y N 32  
DA  N6     H61    sing N N 33  
DA  N6     H62    sing N N 34  
DA  N1     C2     sing Y N 35  
DA  C2     N3     doub Y N 36  
DA  C2     H2     sing N N 37  
DA  N3     C4     sing Y N 38  
DC  OP3    P      sing N N 39  
DC  OP3    HOP3   sing N N 40  
DC  P      OP1    doub N N 41  
DC  P      OP2    sing N N 42  
DC  P      "O5'"  sing N N 43  
DC  OP2    HOP2   sing N N 44  
DC  "O5'"  "C5'"  sing N N 45  
DC  "C5'"  "C4'"  sing N N 46  
DC  "C5'"  "H5'"  sing N N 47  
DC  "C5'"  "H5''" sing N N 48  
DC  "C4'"  "O4'"  sing N N 49  
DC  "C4'"  "C3'"  sing N N 50  
DC  "C4'"  "H4'"  sing N N 51  
DC  "O4'"  "C1'"  sing N N 52  
DC  "C3'"  "O3'"  sing N N 53  
DC  "C3'"  "C2'"  sing N N 54  
DC  "C3'"  "H3'"  sing N N 55  
DC  "O3'"  "HO3'" sing N N 56  
DC  "C2'"  "C1'"  sing N N 57  
DC  "C2'"  "H2'"  sing N N 58  
DC  "C2'"  "H2''" sing N N 59  
DC  "C1'"  N1     sing N N 60  
DC  "C1'"  "H1'"  sing N N 61  
DC  N1     C2     sing N N 62  
DC  N1     C6     sing N N 63  
DC  C2     O2     doub N N 64  
DC  C2     N3     sing N N 65  
DC  N3     C4     doub N N 66  
DC  C4     N4     sing N N 67  
DC  C4     C5     sing N N 68  
DC  N4     H41    sing N N 69  
DC  N4     H42    sing N N 70  
DC  C5     C6     doub N N 71  
DC  C5     H5     sing N N 72  
DC  C6     H6     sing N N 73  
DG  OP3    P      sing N N 74  
DG  OP3    HOP3   sing N N 75  
DG  P      OP1    doub N N 76  
DG  P      OP2    sing N N 77  
DG  P      "O5'"  sing N N 78  
DG  OP2    HOP2   sing N N 79  
DG  "O5'"  "C5'"  sing N N 80  
DG  "C5'"  "C4'"  sing N N 81  
DG  "C5'"  "H5'"  sing N N 82  
DG  "C5'"  "H5''" sing N N 83  
DG  "C4'"  "O4'"  sing N N 84  
DG  "C4'"  "C3'"  sing N N 85  
DG  "C4'"  "H4'"  sing N N 86  
DG  "O4'"  "C1'"  sing N N 87  
DG  "C3'"  "O3'"  sing N N 88  
DG  "C3'"  "C2'"  sing N N 89  
DG  "C3'"  "H3'"  sing N N 90  
DG  "O3'"  "HO3'" sing N N 91  
DG  "C2'"  "C1'"  sing N N 92  
DG  "C2'"  "H2'"  sing N N 93  
DG  "C2'"  "H2''" sing N N 94  
DG  "C1'"  N9     sing N N 95  
DG  "C1'"  "H1'"  sing N N 96  
DG  N9     C8     sing Y N 97  
DG  N9     C4     sing Y N 98  
DG  C8     N7     doub Y N 99  
DG  C8     H8     sing N N 100 
DG  N7     C5     sing Y N 101 
DG  C5     C6     sing N N 102 
DG  C5     C4     doub Y N 103 
DG  C6     O6     doub N N 104 
DG  C6     N1     sing N N 105 
DG  N1     C2     sing N N 106 
DG  N1     H1     sing N N 107 
DG  C2     N2     sing N N 108 
DG  C2     N3     doub N N 109 
DG  N2     H21    sing N N 110 
DG  N2     H22    sing N N 111 
DG  N3     C4     sing N N 112 
HOH O      H1     sing N N 113 
HOH O      H2     sing N N 114 
UMS OP3    P      sing N N 115 
UMS OP3    HOP3   sing N N 116 
UMS P      OP1    doub N N 117 
UMS P      OP2    sing N N 118 
UMS P      "O5'"  sing N N 119 
UMS OP2    HOP2   sing N N 120 
UMS "O5'"  "C5'"  sing N N 121 
UMS "C5'"  "C4'"  sing N N 122 
UMS "C5'"  "H5'"  sing N N 123 
UMS "C5'"  "H5'2" sing N N 124 
UMS "C4'"  "O4'"  sing N N 125 
UMS "C4'"  "C3'"  sing N N 126 
UMS "C4'"  "H4'"  sing N N 127 
UMS "O4'"  "C1'"  sing N N 128 
UMS "C3'"  "O3'"  sing N N 129 
UMS "C3'"  "C2'"  sing N N 130 
UMS "C3'"  "H3'"  sing N N 131 
UMS "O3'"  "HO3'" sing N N 132 
UMS "C2'"  "SE2'" sing N N 133 
UMS "C2'"  "C1'"  sing N N 134 
UMS "C2'"  "H2'"  sing N N 135 
UMS "SE2'" "CA'"  sing N N 136 
UMS "C1'"  N1     sing N N 137 
UMS "C1'"  "H1'"  sing N N 138 
UMS "CA'"  "HA'"  sing N N 139 
UMS "CA'"  "HA'2" sing N N 140 
UMS "CA'"  "HA'3" sing N N 141 
UMS N1     C2     sing N N 142 
UMS N1     C6     sing N N 143 
UMS C2     O2     doub N N 144 
UMS C2     N3     sing N N 145 
UMS N3     C4     sing N N 146 
UMS N3     H3     sing N N 147 
UMS C4     O4     doub N N 148 
UMS C4     C5     sing N N 149 
UMS C5     C6     doub N N 150 
UMS C5     H5     sing N N 151 
UMS C6     H6     sing N N 152 
US2 P      O2P    sing N N 153 
US2 N1     C6     sing N N 154 
US2 N1     "C1'"  sing N N 155 
US2 C6     H6     sing N N 156 
US2 C2     N1     sing N N 157 
US2 O2     C2     doub N N 158 
US2 N3     C4     sing N N 159 
US2 N3     C2     sing N N 160 
US2 N3     HN3    sing N N 161 
US2 C4     C5     sing N N 162 
US2 O4     C4     doub N N 163 
US2 C5     S5     sing N N 164 
US2 C5     C6     doub N N 165 
US2 S5     C5A    sing N N 166 
US2 C5A    H15A   sing N N 167 
US2 C5A    H25A   sing N N 168 
US2 C5A    H35A   sing N N 169 
US2 "C1'"  "O4'"  sing N N 170 
US2 "C1'"  "C2'"  sing N N 171 
US2 "C1'"  "H1'"  sing N N 172 
US2 "O4'"  "C4'"  sing N N 173 
US2 "C4'"  "C3'"  sing N N 174 
US2 "C4'"  "C5'"  sing N N 175 
US2 "C4'"  "H4'"  sing N N 176 
US2 "C3'"  "O3'"  sing N N 177 
US2 "C3'"  "H3'"  sing N N 178 
US2 "O3'"  "HO3'" sing N N 179 
US2 "C2'"  "C3'"  sing N N 180 
US2 "C2'"  "H12'" sing N N 181 
US2 "C2'"  "H22'" sing N N 182 
US2 "C5'"  "H15'" sing N N 183 
US2 "C5'"  "H25'" sing N N 184 
US2 "O5'"  "C5'"  sing N N 185 
US2 "O5'"  P      sing N N 186 
US2 O1P    P      doub N N 187 
US2 P      O3P    sing N N 188 
US2 O2P    HO2P   sing N N 189 
US2 O3P    HO3P   sing N N 190 
# 
loop_
_ndb_struct_conf_na.entry_id 
_ndb_struct_conf_na.feature 
3IKI 'a-form double helix' 
3IKI 'internal loop'       
# 
loop_
_ndb_struct_na_base_pair.model_number 
_ndb_struct_na_base_pair.i_label_asym_id 
_ndb_struct_na_base_pair.i_label_comp_id 
_ndb_struct_na_base_pair.i_label_seq_id 
_ndb_struct_na_base_pair.i_symmetry 
_ndb_struct_na_base_pair.j_label_asym_id 
_ndb_struct_na_base_pair.j_label_comp_id 
_ndb_struct_na_base_pair.j_label_seq_id 
_ndb_struct_na_base_pair.j_symmetry 
_ndb_struct_na_base_pair.shear 
_ndb_struct_na_base_pair.stretch 
_ndb_struct_na_base_pair.stagger 
_ndb_struct_na_base_pair.buckle 
_ndb_struct_na_base_pair.propeller 
_ndb_struct_na_base_pair.opening 
_ndb_struct_na_base_pair.pair_number 
_ndb_struct_na_base_pair.pair_name 
_ndb_struct_na_base_pair.i_auth_asym_id 
_ndb_struct_na_base_pair.i_auth_seq_id 
_ndb_struct_na_base_pair.i_PDB_ins_code 
_ndb_struct_na_base_pair.j_auth_asym_id 
_ndb_struct_na_base_pair.j_auth_seq_id 
_ndb_struct_na_base_pair.j_PDB_ins_code 
_ndb_struct_na_base_pair.hbond_type_28 
_ndb_struct_na_base_pair.hbond_type_12 
1 A DG  1 1_555 A DC 8 7_555 -0.350 -0.123 -0.340 -19.369 -13.573 -2.360 1 A_DG1:DC8_A  A 1 ? A 8 ? 19 1 
1 A UMS 2 1_555 A DA 7 7_555 -0.037 -0.094 0.142  -5.623  -11.049 2.831  2 A_UMS2:DA7_A A 2 ? A 7 ? 20 1 
1 A DG  3 1_555 A DC 6 7_555 -0.255 -0.231 0.247  -4.548  -13.598 -0.012 3 A_DG3:DC6_A  A 3 ? A 6 ? 19 1 
1 A DG  1 1_555 A DC 8 1_555 -0.350 -0.123 -0.340 -19.369 -13.573 -2.360 4 A_DG1:DC8_A  A 1 ? A 8 ? 19 1 
1 A UMS 2 1_555 A DA 7 1_555 -0.037 -0.094 0.142  -5.623  -11.049 2.831  5 A_UMS2:DA7_A A 2 ? A 7 ? 20 1 
1 A DG  3 1_555 A DC 6 1_555 -0.255 -0.231 0.247  -4.548  -13.598 -0.012 6 A_DG3:DC6_A  A 3 ? A 6 ? 19 1 
# 
loop_
_ndb_struct_na_base_pair_step.model_number 
_ndb_struct_na_base_pair_step.i_label_asym_id_1 
_ndb_struct_na_base_pair_step.i_label_comp_id_1 
_ndb_struct_na_base_pair_step.i_label_seq_id_1 
_ndb_struct_na_base_pair_step.i_symmetry_1 
_ndb_struct_na_base_pair_step.j_label_asym_id_1 
_ndb_struct_na_base_pair_step.j_label_comp_id_1 
_ndb_struct_na_base_pair_step.j_label_seq_id_1 
_ndb_struct_na_base_pair_step.j_symmetry_1 
_ndb_struct_na_base_pair_step.i_label_asym_id_2 
_ndb_struct_na_base_pair_step.i_label_comp_id_2 
_ndb_struct_na_base_pair_step.i_label_seq_id_2 
_ndb_struct_na_base_pair_step.i_symmetry_2 
_ndb_struct_na_base_pair_step.j_label_asym_id_2 
_ndb_struct_na_base_pair_step.j_label_comp_id_2 
_ndb_struct_na_base_pair_step.j_label_seq_id_2 
_ndb_struct_na_base_pair_step.j_symmetry_2 
_ndb_struct_na_base_pair_step.shift 
_ndb_struct_na_base_pair_step.slide 
_ndb_struct_na_base_pair_step.rise 
_ndb_struct_na_base_pair_step.tilt 
_ndb_struct_na_base_pair_step.roll 
_ndb_struct_na_base_pair_step.twist 
_ndb_struct_na_base_pair_step.x_displacement 
_ndb_struct_na_base_pair_step.y_displacement 
_ndb_struct_na_base_pair_step.helical_rise 
_ndb_struct_na_base_pair_step.inclination 
_ndb_struct_na_base_pair_step.tip 
_ndb_struct_na_base_pair_step.helical_twist 
_ndb_struct_na_base_pair_step.step_number 
_ndb_struct_na_base_pair_step.step_name 
_ndb_struct_na_base_pair_step.i_auth_asym_id_1 
_ndb_struct_na_base_pair_step.i_auth_seq_id_1 
_ndb_struct_na_base_pair_step.i_PDB_ins_code_1 
_ndb_struct_na_base_pair_step.j_auth_asym_id_1 
_ndb_struct_na_base_pair_step.j_auth_seq_id_1 
_ndb_struct_na_base_pair_step.j_PDB_ins_code_1 
_ndb_struct_na_base_pair_step.i_auth_asym_id_2 
_ndb_struct_na_base_pair_step.i_auth_seq_id_2 
_ndb_struct_na_base_pair_step.i_PDB_ins_code_2 
_ndb_struct_na_base_pair_step.j_auth_asym_id_2 
_ndb_struct_na_base_pair_step.j_auth_seq_id_2 
_ndb_struct_na_base_pair_step.j_PDB_ins_code_2 
1 A DG  1 1_555 A DC 8 7_555 A UMS 2 1_555 A DA 7 7_555 0.539 -0.832 3.040 -2.846 13.421 30.709 -3.364 -1.341 2.419 23.902 5.068  
33.567 1 AA_DG1UMS2:DA7DC8_AA A 1 ? A 8 ? A 2 ? A 7 ? 
1 A UMS 2 1_555 A DA 7 7_555 A DG  3 1_555 A DC 6 7_555 0.694 -1.478 3.075 0.004  11.978 28.509 -4.762 -1.303 2.283 23.076 -0.008 
30.875 2 AA_UMS2DG3:DC6DA7_AA A 2 ? A 7 ? A 3 ? A 6 ? 
1 A DG  1 1_555 A DC 8 1_555 A UMS 2 1_555 A DA 7 1_555 0.539 -0.832 3.040 -2.846 13.421 30.709 -3.364 -1.341 2.419 23.902 5.068  
33.567 3 AA_DG1UMS2:DA7DC8_AA A 1 ? A 8 ? A 2 ? A 7 ? 
1 A UMS 2 1_555 A DA 7 1_555 A DG  3 1_555 A DC 6 1_555 0.694 -1.478 3.075 0.004  11.978 28.509 -4.762 -1.303 2.283 23.076 -0.008 
30.875 4 AA_UMS2DG3:DC6DA7_AA A 2 ? A 7 ? A 3 ? A 6 ? 
# 
loop_
_pdbx_entity_nonpoly.entity_id 
_pdbx_entity_nonpoly.name 
_pdbx_entity_nonpoly.comp_id 
2 'MAGNESIUM ION' MG  
3 water           HOH 
# 
_pdbx_initial_refinement_model.id               1 
_pdbx_initial_refinement_model.entity_id_list   ? 
_pdbx_initial_refinement_model.type             'experimental model' 
_pdbx_initial_refinement_model.source_name      PDB 
_pdbx_initial_refinement_model.accession_code   1DNS 
_pdbx_initial_refinement_model.details          ? 
# 
